data_6SEC
#
_entry.id   6SEC
#
_cell.length_a   137.330
_cell.length_b   137.330
_cell.length_c   126.784
_cell.angle_alpha   90.000
_cell.angle_beta   90.000
_cell.angle_gamma   120.000
#
_symmetry.space_group_name_H-M   'P 31 2 1'
#
loop_
_entity.id
_entity.type
_entity.pdbx_description
1 polymer Beta-galactosidase
2 non-polymer 'ACETATE ION'
3 non-polymer 'SODIUM ION'
4 non-polymer '2-nitrophenyl beta-D-galactopyranoside'
5 water water
#
_entity_poly.entity_id   1
_entity_poly.type   'polypeptide(L)'
_entity_poly.pdbx_seq_one_letter_code
;MSVETPSALADSSPHTAPGSAGRSLELGAADIQDLESFEAGRGALPARAYLQSDAPRLSLNGEWQFRLSPGSRVAPDDGW
QLGEALNGFESLPVPSSWPMHGHGAPAYTNVQFPFAVEPPHVPEANPIGDHLVVFEAGPEFFPHALLRFDGIESAGTVWL
NGVELGTTRGSRLAHEFDVSGILEQGENTLAVRVAQFSAASYVEDQDMWWLPGIFRDVTLQARPAAGIDDVFVHAGYDHI
TGEGILKVEASRGGQAIDAVVRVPELALELAAGTEVRVPAVEPWSAEVPKLYEAAVSAAGESVALQIGFRSIAIEDAQFK
VNGRRILLRGVNRHEHHPRLGRVVPRDVVEAELRLMKQHNINAIRTSHYPPHPQFLALADQLGFYVVLECDLETHGFESA
GWAQNPSDDPQWEDALVDRMRRTVERDKNHASVVMWSLGNEAGTGRNLAAMSRWTKDRDPSRPIHYEGDWSSEHVDVYSR
MYASQAETALIGQGIEPALNDAALDARRRAMPFVLCEYVHAMGNGPGGMSEYQALFEKYPRLMGGFVWEWLEHGITVSTA
DGVDHYGYGGDFGEEVHDGNFVTDGLVDADRRPRPGLLDFKKVIEPLRIDVARDWTGFTLRNGQDFADTSAFSFRYEVEA
DGGALDGGTVDVAPVAPQSETVVELPGSVAALAAGLSDGRPAVLTVRAVLGADSAWADAGHEVAWGQSVREPGAPVPPAP
VEPVQVQDSELTLGPVVFSRATGMPTSIGGVPVEKLGLTLWWAPTDNDLGREWGGADERPLATQWKDAGLNRLHTRLLGI
SANPGQDGGETLTVRTRVSAADKQYGVLVDYTWSTDGETVGLRTQVRRDGTWVNRGFEVEWARIGLEFVLGEETELVSWF
GQGPHQSYPDTGQGARAGWFSLPLAKMDVEYVRPQECGARSGSRSAALQLGGRTLEICGDPFALTVRPYSQDVLDAAAHR
PDLKADGRTYLYVDHALRGVGTAACGPGVLEQYRLKPRDADFILTLKVRS
;
_entity_poly.pdbx_strand_id   A
#
# COMPACT_ATOMS: atom_id res chain seq x y z
N GLY A 22 -36.83 -8.49 44.80
CA GLY A 22 -35.92 -9.22 43.94
C GLY A 22 -34.61 -8.52 43.67
N ARG A 23 -33.56 -8.91 44.41
CA ARG A 23 -32.24 -8.31 44.26
C ARG A 23 -31.38 -9.14 43.30
N SER A 24 -30.46 -8.45 42.63
CA SER A 24 -29.72 -9.00 41.50
C SER A 24 -28.51 -9.80 41.95
N LEU A 25 -28.29 -10.96 41.32
CA LEU A 25 -27.24 -11.88 41.76
C LEU A 25 -26.19 -12.17 40.68
N GLU A 26 -26.08 -11.35 39.65
CA GLU A 26 -25.10 -11.59 38.60
C GLU A 26 -23.74 -11.00 38.98
N LEU A 27 -22.68 -11.69 38.60
CA LEU A 27 -21.34 -11.24 38.95
C LEU A 27 -20.86 -10.15 38.01
N GLY A 28 -20.04 -9.26 38.54
CA GLY A 28 -19.35 -8.30 37.68
C GLY A 28 -20.20 -7.22 37.05
N ALA A 29 -21.38 -6.92 37.59
CA ALA A 29 -22.24 -5.89 37.02
C ALA A 29 -21.59 -4.50 36.99
N ALA A 30 -20.56 -4.28 37.81
CA ALA A 30 -19.98 -2.95 37.96
C ALA A 30 -18.99 -2.64 36.84
N ASP A 31 -18.00 -3.53 36.63
CA ASP A 31 -17.09 -3.37 35.51
C ASP A 31 -17.87 -3.22 34.20
N ILE A 32 -18.93 -4.00 34.05
CA ILE A 32 -19.61 -4.02 32.76
C ILE A 32 -20.32 -2.69 32.52
N GLN A 33 -20.84 -2.08 33.57
CA GLN A 33 -21.50 -0.79 33.38
C GLN A 33 -20.51 0.32 33.08
N ASP A 34 -19.27 0.18 33.56
CA ASP A 34 -18.26 1.14 33.15
C ASP A 34 -17.82 0.91 31.71
N LEU A 35 -17.64 -0.36 31.33
CA LEU A 35 -17.23 -0.66 29.97
C LEU A 35 -18.25 -0.19 28.94
N GLU A 36 -19.54 -0.32 29.27
CA GLU A 36 -20.65 0.10 28.41
C GLU A 36 -20.98 1.59 28.49
N SER A 37 -20.01 2.43 28.85
CA SER A 37 -20.29 3.83 29.14
C SER A 37 -20.11 4.69 27.90
N PHE A 38 -21.07 5.58 27.67
CA PHE A 38 -20.96 6.51 26.56
C PHE A 38 -20.00 7.64 26.84
N GLU A 39 -19.59 7.81 28.08
CA GLU A 39 -18.74 8.91 28.47
C GLU A 39 -17.29 8.61 28.12
N ALA A 40 -16.54 9.67 27.94
CA ALA A 40 -15.10 9.59 27.69
C ALA A 40 -14.42 9.24 29.00
N GLY A 41 -13.12 9.04 28.98
CA GLY A 41 -12.44 8.62 30.18
C GLY A 41 -12.81 9.49 31.38
N ARG A 42 -12.46 9.03 32.56
CA ARG A 42 -12.68 9.80 33.78
C ARG A 42 -11.33 10.31 34.30
N GLY A 43 -11.35 11.53 34.83
CA GLY A 43 -10.29 12.02 35.71
C GLY A 43 -8.90 12.20 35.16
N ALA A 44 -8.74 12.41 33.86
CA ALA A 44 -7.43 12.71 33.30
C ALA A 44 -7.28 14.22 33.12
N LEU A 45 -6.03 14.64 32.89
CA LEU A 45 -5.75 16.03 32.63
C LEU A 45 -6.20 16.44 31.23
N PRO A 46 -6.22 17.75 30.95
CA PRO A 46 -6.64 18.20 29.63
C PRO A 46 -5.80 17.66 28.49
N ALA A 47 -6.41 17.60 27.31
CA ALA A 47 -5.68 17.16 26.13
C ALA A 47 -4.68 18.23 25.75
N ARG A 48 -3.47 17.80 25.40
CA ARG A 48 -2.42 18.74 25.06
C ARG A 48 -1.52 18.11 24.01
N ALA A 49 -0.73 18.97 23.39
CA ALA A 49 0.31 18.56 22.47
C ALA A 49 1.36 17.66 23.14
N TYR A 50 1.88 16.73 22.35
CA TYR A 50 3.07 15.96 22.72
C TYR A 50 4.31 16.82 22.47
N LEU A 51 5.04 17.16 23.54
CA LEU A 51 6.07 18.19 23.51
C LEU A 51 7.42 17.65 23.97
N GLN A 52 8.47 18.15 23.33
CA GLN A 52 9.84 17.85 23.74
C GLN A 52 10.25 18.81 24.84
N SER A 53 10.31 18.32 26.07
CA SER A 53 10.47 19.16 27.25
C SER A 53 11.71 18.75 28.03
N ASP A 54 12.38 19.74 28.63
CA ASP A 54 13.54 19.44 29.45
C ASP A 54 13.17 18.95 30.85
N ALA A 55 11.91 18.73 31.14
CA ALA A 55 11.52 18.15 32.41
C ALA A 55 11.95 16.68 32.47
N PRO A 56 12.26 16.17 33.65
CA PRO A 56 12.71 14.78 33.74
C PRO A 56 11.57 13.83 33.47
N ARG A 57 11.93 12.70 32.85
CA ARG A 57 10.96 11.71 32.42
C ARG A 57 11.54 10.33 32.70
N LEU A 58 10.68 9.42 33.11
CA LEU A 58 11.07 8.03 33.37
C LEU A 58 10.12 7.13 32.60
N SER A 59 10.64 6.48 31.55
CA SER A 59 9.83 5.57 30.76
C SER A 59 9.60 4.30 31.56
N LEU A 60 8.36 4.05 31.93
CA LEU A 60 8.03 2.77 32.57
C LEU A 60 8.01 1.62 31.60
N ASN A 61 8.52 1.77 30.37
CA ASN A 61 8.58 0.64 29.46
C ASN A 61 9.56 -0.41 29.98
N GLY A 62 9.22 -1.67 29.77
CA GLY A 62 10.08 -2.78 30.09
C GLY A 62 9.36 -4.12 30.10
N GLU A 63 9.41 -4.83 31.23
CA GLU A 63 8.83 -6.16 31.37
C GLU A 63 7.85 -6.12 32.53
N TRP A 64 6.56 -6.10 32.22
CA TRP A 64 5.50 -5.99 33.21
C TRP A 64 5.00 -7.37 33.63
N GLN A 65 4.03 -7.40 34.55
CA GLN A 65 3.35 -8.64 34.92
C GLN A 65 1.93 -8.63 34.36
N PHE A 66 1.45 -9.78 33.93
CA PHE A 66 0.23 -9.86 33.14
C PHE A 66 -0.62 -11.05 33.55
N ARG A 67 -1.91 -10.81 33.81
CA ARG A 67 -2.87 -11.87 34.03
C ARG A 67 -4.07 -11.65 33.13
N LEU A 68 -4.50 -12.70 32.44
CA LEU A 68 -5.57 -12.64 31.45
C LEU A 68 -6.76 -13.46 31.93
N SER A 69 -7.90 -12.79 32.15
CA SER A 69 -9.22 -13.34 32.47
C SER A 69 -10.11 -13.21 31.24
N PRO A 70 -11.01 -14.16 30.99
CA PRO A 70 -11.80 -14.15 29.76
C PRO A 70 -13.08 -13.31 29.79
N GLY A 71 -13.35 -12.61 30.89
CA GLY A 71 -14.52 -11.75 30.95
C GLY A 71 -14.54 -11.01 32.25
N SER A 72 -15.28 -9.89 32.25
CA SER A 72 -15.40 -9.07 33.46
C SER A 72 -16.10 -9.80 34.59
N ARG A 73 -16.88 -10.84 34.27
CA ARG A 73 -17.65 -11.55 35.28
C ARG A 73 -16.78 -12.48 36.13
N VAL A 74 -15.56 -12.79 35.67
CA VAL A 74 -14.65 -13.64 36.42
C VAL A 74 -13.26 -13.01 36.46
N ALA A 75 -13.19 -11.73 36.17
CA ALA A 75 -11.96 -11.00 36.43
C ALA A 75 -11.82 -10.86 37.95
N PRO A 76 -10.76 -11.38 38.56
CA PRO A 76 -10.63 -11.31 40.02
C PRO A 76 -10.62 -9.87 40.52
N ASP A 77 -11.31 -9.65 41.63
CA ASP A 77 -11.12 -8.47 42.46
C ASP A 77 -10.44 -8.93 43.75
N ASP A 78 -9.16 -9.27 43.63
CA ASP A 78 -8.38 -9.86 44.72
C ASP A 78 -7.22 -8.96 45.11
N GLY A 79 -7.34 -7.66 44.85
CA GLY A 79 -6.29 -6.74 45.26
C GLY A 79 -4.97 -7.00 44.56
N TRP A 80 -5.03 -7.47 43.32
CA TRP A 80 -3.82 -7.55 42.51
C TRP A 80 -3.17 -6.17 42.34
N GLN A 81 -3.96 -5.11 42.39
CA GLN A 81 -3.48 -3.75 42.09
C GLN A 81 -2.35 -3.29 43.00
N LEU A 82 -2.18 -3.93 44.15
CA LEU A 82 -1.13 -3.63 45.16
C LEU A 82 0.26 -4.11 44.75
N GLY A 83 0.36 -5.34 44.24
CA GLY A 83 1.63 -5.96 43.87
C GLY A 83 2.03 -7.10 44.77
N GLU A 84 1.20 -7.45 45.75
CA GLU A 84 1.52 -8.47 46.74
C GLU A 84 0.76 -9.75 46.41
N ALA A 85 1.37 -10.90 46.71
CA ALA A 85 0.74 -12.22 46.55
C ALA A 85 0.08 -12.36 45.18
N LEU A 86 0.86 -12.14 44.15
CA LEU A 86 0.35 -12.30 42.79
C LEU A 86 0.12 -13.79 42.54
N ASN A 87 -1.06 -14.12 42.05
CA ASN A 87 -1.37 -15.49 41.63
C ASN A 87 -1.81 -15.45 40.17
N GLY A 88 -1.08 -16.19 39.33
CA GLY A 88 -1.43 -16.28 37.94
C GLY A 88 -0.94 -15.17 37.04
N PHE A 89 0.12 -14.47 37.42
CA PHE A 89 0.73 -13.50 36.52
C PHE A 89 1.97 -14.11 35.87
N GLU A 90 2.58 -13.33 34.99
CA GLU A 90 3.63 -13.83 34.11
C GLU A 90 4.27 -12.63 33.43
N SER A 91 5.54 -12.74 33.14
CA SER A 91 6.28 -11.69 32.46
C SER A 91 5.72 -11.42 31.05
N LEU A 92 5.38 -10.14 30.77
CA LEU A 92 4.92 -9.63 29.47
C LEU A 92 5.56 -8.30 29.15
N PRO A 93 5.96 -8.06 27.89
CA PRO A 93 6.53 -6.75 27.53
C PRO A 93 5.43 -5.69 27.41
N VAL A 94 5.80 -4.47 27.79
CA VAL A 94 4.93 -3.31 27.63
C VAL A 94 5.81 -2.20 27.07
N PRO A 95 5.46 -1.56 25.94
CA PRO A 95 4.28 -1.75 25.10
C PRO A 95 4.20 -3.09 24.40
N SER A 96 2.96 -3.58 24.28
CA SER A 96 2.70 -4.79 23.52
C SER A 96 1.26 -4.78 23.04
N SER A 97 1.03 -5.43 21.91
CA SER A 97 -0.27 -5.99 21.56
C SER A 97 -0.25 -7.42 22.09
N TRP A 98 -1.06 -7.70 23.12
CA TRP A 98 -0.80 -8.94 23.86
C TRP A 98 -1.18 -10.25 23.16
N PRO A 99 -2.08 -10.29 22.18
CA PRO A 99 -2.21 -11.53 21.39
C PRO A 99 -1.02 -11.82 20.46
N MET A 100 0.01 -10.98 20.42
CA MET A 100 1.22 -11.29 19.69
C MET A 100 2.26 -12.03 20.56
N HIS A 101 1.95 -12.25 21.83
CA HIS A 101 2.84 -12.91 22.79
C HIS A 101 2.13 -14.09 23.45
N GLY A 102 1.29 -14.79 22.69
CA GLY A 102 0.74 -16.05 23.12
C GLY A 102 -0.52 -15.98 23.95
N HIS A 103 -1.00 -14.79 24.30
CA HIS A 103 -2.20 -14.64 25.13
C HIS A 103 -3.39 -14.36 24.20
N GLY A 104 -4.17 -15.40 23.94
CA GLY A 104 -5.19 -15.31 22.92
C GLY A 104 -4.55 -15.33 21.54
N ALA A 105 -5.26 -14.75 20.57
CA ALA A 105 -4.73 -14.70 19.22
C ALA A 105 -5.21 -13.44 18.53
N PRO A 106 -4.50 -13.00 17.49
CA PRO A 106 -5.07 -11.98 16.61
C PRO A 106 -6.40 -12.46 16.01
N ALA A 107 -7.25 -11.49 15.71
CA ALA A 107 -8.55 -11.76 15.11
C ALA A 107 -8.78 -10.67 14.07
N TYR A 108 -8.99 -11.06 12.81
CA TYR A 108 -9.13 -10.09 11.73
C TYR A 108 -10.55 -10.06 11.18
N THR A 109 -11.18 -8.89 11.26
CA THR A 109 -12.50 -8.66 10.63
C THR A 109 -12.39 -7.37 9.82
N ASN A 110 -13.06 -7.31 8.69
CA ASN A 110 -12.95 -6.10 7.84
C ASN A 110 -14.04 -5.12 8.20
N VAL A 111 -15.28 -5.43 7.87
CA VAL A 111 -16.33 -4.45 8.22
C VAL A 111 -17.18 -5.08 9.30
N GLN A 112 -17.16 -6.39 9.35
CA GLN A 112 -18.06 -6.99 10.31
C GLN A 112 -17.51 -6.87 11.73
N PHE A 113 -18.40 -6.54 12.65
CA PHE A 113 -18.07 -6.54 14.05
C PHE A 113 -17.92 -7.97 14.55
N PRO A 114 -16.96 -8.22 15.42
CA PRO A 114 -16.81 -9.59 15.97
C PRO A 114 -17.74 -9.88 17.15
N PHE A 115 -18.78 -9.06 17.33
CA PHE A 115 -19.72 -9.23 18.43
C PHE A 115 -21.08 -8.72 17.99
N ALA A 116 -22.12 -9.15 18.70
CA ALA A 116 -23.46 -8.68 18.40
C ALA A 116 -23.52 -7.17 18.45
N VAL A 117 -24.19 -6.59 17.47
CA VAL A 117 -24.27 -5.14 17.36
C VAL A 117 -25.48 -4.67 18.18
N GLU A 118 -25.20 -4.32 19.44
CA GLU A 118 -26.20 -3.75 20.35
C GLU A 118 -25.50 -2.72 21.22
N PRO A 119 -25.17 -1.56 20.66
CA PRO A 119 -24.43 -0.55 21.43
C PRO A 119 -25.24 -0.05 22.61
N PRO A 120 -24.63 0.11 23.78
CA PRO A 120 -23.18 0.04 23.99
C PRO A 120 -22.68 -1.27 24.61
N HIS A 121 -23.38 -2.37 24.38
CA HIS A 121 -23.16 -3.55 25.19
C HIS A 121 -21.97 -4.35 24.70
N VAL A 122 -21.32 -5.02 25.64
CA VAL A 122 -20.12 -5.78 25.33
C VAL A 122 -20.42 -7.27 25.49
N PRO A 123 -19.80 -8.13 24.69
CA PRO A 123 -20.08 -9.56 24.80
C PRO A 123 -19.52 -10.14 26.08
N GLU A 124 -20.12 -11.24 26.51
CA GLU A 124 -19.63 -12.00 27.66
C GLU A 124 -18.18 -12.44 27.48
N ALA A 125 -17.79 -12.79 26.26
CA ALA A 125 -16.41 -13.19 25.97
C ALA A 125 -15.62 -11.93 25.64
N ASN A 126 -14.87 -11.45 26.62
CA ASN A 126 -14.19 -10.17 26.51
C ASN A 126 -12.90 -10.24 27.32
N PRO A 127 -11.77 -10.60 26.69
CA PRO A 127 -10.49 -10.69 27.41
C PRO A 127 -10.18 -9.50 28.32
N ILE A 128 -10.02 -9.75 29.61
CA ILE A 128 -9.55 -8.73 30.55
C ILE A 128 -8.08 -9.00 30.82
N GLY A 129 -7.23 -8.01 30.52
CA GLY A 129 -5.80 -8.12 30.77
C GLY A 129 -5.27 -7.26 31.91
N ASP A 130 -4.96 -7.89 33.05
CA ASP A 130 -4.43 -7.18 34.20
C ASP A 130 -2.93 -6.95 34.05
N HIS A 131 -2.53 -5.68 34.12
CA HIS A 131 -1.15 -5.25 33.93
C HIS A 131 -0.61 -4.63 35.20
N LEU A 132 0.67 -4.91 35.52
CA LEU A 132 1.26 -4.44 36.78
C LEU A 132 2.76 -4.24 36.59
N VAL A 133 3.27 -3.09 37.05
CA VAL A 133 4.71 -2.82 37.06
C VAL A 133 5.07 -2.08 38.34
N VAL A 134 6.27 -2.35 38.83
CA VAL A 134 6.86 -1.64 39.97
C VAL A 134 8.00 -0.79 39.45
N PHE A 135 8.04 0.47 39.85
CA PHE A 135 9.10 1.37 39.40
C PHE A 135 9.61 2.22 40.57
N GLU A 136 10.73 2.89 40.35
CA GLU A 136 11.37 3.74 41.35
C GLU A 136 11.17 5.21 40.98
N ALA A 137 10.75 6.02 41.94
CA ALA A 137 10.51 7.44 41.72
C ALA A 137 11.48 8.26 42.57
N GLY A 138 12.45 8.90 41.90
CA GLY A 138 13.40 9.77 42.57
C GLY A 138 12.82 11.14 42.91
N PRO A 139 13.68 12.00 43.45
CA PRO A 139 13.21 13.33 43.88
C PRO A 139 12.93 14.27 42.72
N GLU A 140 13.46 13.98 41.53
CA GLU A 140 13.12 14.75 40.35
C GLU A 140 11.61 14.83 40.15
N PHE A 141 10.90 13.75 40.50
CA PHE A 141 9.47 13.62 40.23
C PHE A 141 8.60 14.14 41.38
N PHE A 142 9.02 15.20 42.07
CA PHE A 142 8.32 15.70 43.24
C PHE A 142 8.53 17.20 43.37
N PRO A 143 7.54 17.94 43.87
CA PRO A 143 6.26 17.41 44.38
C PRO A 143 5.21 17.03 43.31
N HIS A 144 5.47 17.29 42.02
CA HIS A 144 4.45 17.19 40.99
C HIS A 144 4.90 16.33 39.82
N ALA A 145 4.10 15.32 39.47
CA ALA A 145 4.35 14.55 38.26
C ALA A 145 3.03 14.00 37.74
N LEU A 146 3.10 13.40 36.53
CA LEU A 146 1.98 12.73 35.88
C LEU A 146 2.45 11.45 35.18
N LEU A 147 1.51 10.52 34.98
CA LEU A 147 1.71 9.34 34.15
C LEU A 147 1.06 9.57 32.79
N ARG A 148 1.73 9.11 31.72
CA ARG A 148 1.26 9.32 30.36
C ARG A 148 1.18 8.00 29.62
N PHE A 149 0.00 7.67 29.13
CA PHE A 149 -0.23 6.49 28.31
C PHE A 149 -0.51 6.97 26.89
N ASP A 150 0.39 6.66 25.96
CA ASP A 150 0.17 7.11 24.60
C ASP A 150 -0.75 6.18 23.80
N GLY A 151 -1.18 5.03 24.33
CA GLY A 151 -2.19 4.22 23.66
C GLY A 151 -2.62 2.94 24.34
N ILE A 152 -3.94 2.76 24.56
CA ILE A 152 -4.48 1.60 25.28
C ILE A 152 -5.72 1.14 24.54
N GLU A 153 -5.61 -0.01 23.87
CA GLU A 153 -6.73 -0.61 23.15
C GLU A 153 -7.38 -1.67 24.04
N SER A 154 -8.59 -1.38 24.54
CA SER A 154 -9.44 -0.29 24.07
C SER A 154 -10.04 0.54 25.21
N ALA A 155 -10.04 -0.04 26.40
CA ALA A 155 -10.57 0.62 27.59
C ALA A 155 -9.72 0.19 28.78
N GLY A 156 -8.99 1.13 29.37
CA GLY A 156 -8.12 0.86 30.50
C GLY A 156 -8.62 1.51 31.78
N THR A 157 -8.36 0.84 32.91
CA THR A 157 -8.50 1.47 34.22
C THR A 157 -7.16 1.44 34.93
N VAL A 158 -6.80 2.55 35.56
CA VAL A 158 -5.44 2.82 36.04
C VAL A 158 -5.43 3.07 37.55
N TRP A 159 -4.54 2.37 38.27
CA TRP A 159 -4.30 2.58 39.70
C TRP A 159 -2.81 2.77 39.97
N LEU A 160 -2.50 3.78 40.79
CA LEU A 160 -1.15 4.00 41.30
C LEU A 160 -1.20 3.76 42.80
N ASN A 161 -0.53 2.69 43.24
CA ASN A 161 -0.54 2.29 44.66
C ASN A 161 -1.97 2.04 45.14
N GLY A 162 -2.73 1.31 44.33
CA GLY A 162 -4.10 0.98 44.65
C GLY A 162 -5.09 2.11 44.58
N VAL A 163 -4.67 3.31 44.19
CA VAL A 163 -5.55 4.47 44.14
C VAL A 163 -5.96 4.74 42.70
N GLU A 164 -7.27 4.81 42.45
CA GLU A 164 -7.76 4.90 41.09
C GLU A 164 -7.40 6.25 40.49
N LEU A 165 -6.69 6.20 39.36
CA LEU A 165 -6.37 7.40 38.60
C LEU A 165 -7.44 7.74 37.58
N GLY A 166 -8.02 6.73 36.94
CA GLY A 166 -9.11 7.00 36.01
C GLY A 166 -9.22 5.92 34.95
N THR A 167 -9.71 6.34 33.78
CA THR A 167 -9.98 5.43 32.69
C THR A 167 -9.61 6.11 31.37
N THR A 168 -9.24 5.30 30.39
CA THR A 168 -8.82 5.77 29.07
C THR A 168 -9.81 5.33 27.99
N ARG A 169 -10.07 6.22 27.05
CA ARG A 169 -10.96 5.96 25.92
C ARG A 169 -10.36 6.57 24.68
N GLY A 170 -10.49 5.86 23.55
CA GLY A 170 -9.84 6.29 22.33
C GLY A 170 -8.49 5.64 22.23
N SER A 171 -8.47 4.46 21.60
CA SER A 171 -7.38 3.52 21.80
C SER A 171 -6.05 4.04 21.29
N ARG A 172 -6.05 4.89 20.27
CA ARG A 172 -4.80 5.44 19.75
C ARG A 172 -4.64 6.92 20.12
N LEU A 173 -5.36 7.37 21.15
CA LEU A 173 -5.21 8.69 21.71
C LEU A 173 -4.38 8.63 23.00
N ALA A 174 -3.84 9.79 23.41
CA ALA A 174 -3.04 9.90 24.63
C ALA A 174 -3.85 10.42 25.81
N HIS A 175 -3.57 9.85 26.98
CA HIS A 175 -4.15 10.25 28.27
C HIS A 175 -3.04 10.53 29.29
N GLU A 176 -3.24 11.55 30.13
CA GLU A 176 -2.30 11.91 31.18
C GLU A 176 -3.01 12.05 32.52
N PHE A 177 -2.40 11.50 33.59
CA PHE A 177 -3.01 11.46 34.91
C PHE A 177 -2.11 12.11 35.96
N ASP A 178 -2.65 13.11 36.64
CA ASP A 178 -1.95 13.76 37.73
C ASP A 178 -1.77 12.79 38.88
N VAL A 179 -0.51 12.45 39.19
CA VAL A 179 -0.20 11.57 40.31
C VAL A 179 0.29 12.34 41.54
N SER A 180 0.26 13.68 41.51
CA SER A 180 0.59 14.48 42.69
C SER A 180 -0.22 14.02 43.90
N GLY A 181 0.49 13.78 45.00
CA GLY A 181 -0.11 13.28 46.23
C GLY A 181 -0.38 11.79 46.28
N ILE A 182 -0.02 11.04 45.23
CA ILE A 182 -0.32 9.62 45.10
C ILE A 182 0.95 8.86 44.73
N LEU A 183 1.74 9.47 43.87
CA LEU A 183 3.11 9.01 43.64
C LEU A 183 3.95 9.31 44.87
N GLU A 184 4.47 8.25 45.49
CA GLU A 184 5.32 8.30 46.67
C GLU A 184 6.79 8.24 46.27
N GLN A 185 7.64 8.64 47.19
CA GLN A 185 9.08 8.62 46.93
C GLN A 185 9.61 7.20 47.08
N GLY A 186 10.56 6.84 46.24
CA GLY A 186 11.04 5.47 46.18
C GLY A 186 10.14 4.61 45.32
N GLU A 187 9.67 3.50 45.87
CA GLU A 187 9.04 2.44 45.10
C GLU A 187 7.53 2.61 45.03
N ASN A 188 6.99 2.57 43.81
CA ASN A 188 5.55 2.65 43.54
C ASN A 188 5.12 1.42 42.76
N THR A 189 3.81 1.16 42.78
CA THR A 189 3.22 0.04 42.05
C THR A 189 2.09 0.54 41.17
N LEU A 190 2.27 0.45 39.85
CA LEU A 190 1.29 0.95 38.89
C LEU A 190 0.53 -0.22 38.26
N ALA A 191 -0.80 -0.17 38.34
CA ALA A 191 -1.67 -1.25 37.90
C ALA A 191 -2.68 -0.74 36.87
N VAL A 192 -2.77 -1.41 35.72
CA VAL A 192 -3.75 -1.07 34.69
C VAL A 192 -4.54 -2.31 34.26
N ARG A 193 -5.87 -2.22 34.32
CA ARG A 193 -6.77 -3.28 33.85
C ARG A 193 -7.30 -2.91 32.46
N VAL A 194 -7.10 -3.79 31.49
CA VAL A 194 -7.33 -3.48 30.08
C VAL A 194 -8.37 -4.44 29.51
N ALA A 195 -9.52 -3.90 29.10
CA ALA A 195 -10.55 -4.72 28.47
C ALA A 195 -10.49 -4.55 26.95
N GLN A 196 -10.48 -5.68 26.23
CA GLN A 196 -10.37 -5.64 24.77
C GLN A 196 -11.58 -4.94 24.15
N PHE A 197 -12.77 -5.31 24.59
CA PHE A 197 -13.98 -4.73 24.05
C PHE A 197 -14.65 -3.80 25.07
N SER A 198 -15.34 -2.80 24.54
CA SER A 198 -15.97 -1.74 25.31
C SER A 198 -16.95 -1.07 24.38
N ALA A 199 -17.68 -0.09 24.89
CA ALA A 199 -18.54 0.68 23.99
C ALA A 199 -17.72 1.34 22.91
N ALA A 200 -16.44 1.64 23.20
CA ALA A 200 -15.58 2.34 22.25
C ALA A 200 -15.30 1.46 21.03
N SER A 201 -15.24 0.15 21.22
CA SER A 201 -15.17 -0.80 20.12
C SER A 201 -16.13 -0.42 19.01
N TYR A 202 -17.35 -0.02 19.37
CA TYR A 202 -18.32 0.36 18.35
C TYR A 202 -17.84 1.49 17.46
N VAL A 203 -16.88 2.30 17.91
CA VAL A 203 -16.40 3.42 17.14
C VAL A 203 -14.94 3.24 16.72
N GLU A 204 -14.37 2.06 16.93
CA GLU A 204 -13.02 1.74 16.47
C GLU A 204 -13.06 0.51 15.56
N ASP A 205 -13.92 0.53 14.56
CA ASP A 205 -14.09 -0.63 13.67
C ASP A 205 -13.33 -0.42 12.36
N GLN A 206 -12.01 -0.26 12.48
CA GLN A 206 -11.17 -0.18 11.30
C GLN A 206 -11.01 -1.56 10.68
N ASP A 207 -10.52 -1.57 9.45
CA ASP A 207 -10.27 -2.82 8.73
C ASP A 207 -8.84 -3.25 9.04
N MET A 208 -8.69 -3.92 10.18
CA MET A 208 -7.37 -4.31 10.66
C MET A 208 -7.55 -5.34 11.76
N TRP A 209 -6.44 -5.76 12.35
CA TRP A 209 -6.50 -6.79 13.36
C TRP A 209 -7.07 -6.21 14.65
N TRP A 210 -7.93 -6.97 15.31
CA TRP A 210 -8.32 -6.63 16.67
C TRP A 210 -7.23 -7.13 17.61
N LEU A 211 -6.41 -6.21 18.10
CA LEU A 211 -5.29 -6.52 19.01
C LEU A 211 -5.34 -5.62 20.24
N PRO A 212 -5.68 -6.15 21.42
CA PRO A 212 -5.75 -5.31 22.61
C PRO A 212 -4.41 -5.19 23.33
N GLY A 213 -4.36 -4.20 24.21
CA GLY A 213 -3.17 -4.03 25.03
C GLY A 213 -2.66 -2.60 25.17
N ILE A 214 -1.59 -2.45 25.93
CA ILE A 214 -0.90 -1.18 26.09
C ILE A 214 0.20 -1.20 25.04
N PHE A 215 -0.13 -0.71 23.84
CA PHE A 215 0.76 -0.82 22.70
C PHE A 215 1.64 0.40 22.48
N ARG A 216 1.44 1.46 23.25
CA ARG A 216 2.30 2.63 23.13
C ARG A 216 2.89 3.02 24.49
N ASP A 217 3.89 3.90 24.43
CA ASP A 217 4.75 4.21 25.58
C ASP A 217 3.96 4.53 26.84
N VAL A 218 4.43 4.02 27.96
CA VAL A 218 4.02 4.49 29.29
C VAL A 218 5.16 5.33 29.86
N THR A 219 4.82 6.45 30.49
CA THR A 219 5.86 7.38 30.87
C THR A 219 5.47 8.16 32.12
N LEU A 220 6.42 8.27 33.04
CA LEU A 220 6.32 9.19 34.16
C LEU A 220 7.06 10.47 33.81
N GLN A 221 6.43 11.62 34.07
CA GLN A 221 7.01 12.90 33.74
C GLN A 221 6.82 13.85 34.91
N ALA A 222 7.92 14.45 35.38
CA ALA A 222 7.79 15.45 36.42
C ALA A 222 7.23 16.74 35.83
N ARG A 223 6.47 17.48 36.65
CA ARG A 223 5.85 18.72 36.23
C ARG A 223 6.29 19.85 37.17
N PRO A 224 7.46 20.43 36.91
CA PRO A 224 8.00 21.46 37.80
C PRO A 224 7.13 22.71 37.80
N ALA A 225 7.27 23.52 38.85
CA ALA A 225 6.49 24.74 38.89
C ALA A 225 7.04 25.74 37.89
N ALA A 226 6.17 26.65 37.44
CA ALA A 226 6.49 27.61 36.38
C ALA A 226 6.86 26.92 35.07
N GLY A 227 6.20 25.79 34.76
CA GLY A 227 6.51 25.02 33.57
C GLY A 227 5.70 25.44 32.36
N ILE A 228 5.76 24.63 31.32
CA ILE A 228 4.88 24.78 30.16
C ILE A 228 4.16 23.47 29.92
N ASP A 229 2.83 23.53 29.87
CA ASP A 229 2.03 22.34 29.62
C ASP A 229 1.73 22.15 28.14
N ASP A 230 1.24 23.20 27.48
CA ASP A 230 0.81 23.15 26.10
C ASP A 230 1.44 24.30 25.33
N VAL A 231 1.87 24.01 24.10
CA VAL A 231 2.39 25.01 23.16
C VAL A 231 1.60 24.91 21.87
N PHE A 232 1.34 26.05 21.25
CA PHE A 232 0.66 26.07 19.96
C PHE A 232 1.48 26.91 18.98
N VAL A 233 2.18 26.24 18.07
CA VAL A 233 2.98 26.89 17.03
C VAL A 233 2.08 27.35 15.88
N HIS A 234 2.34 28.56 15.39
CA HIS A 234 1.66 29.12 14.23
C HIS A 234 2.74 29.71 13.33
N ALA A 235 3.11 29.00 12.27
CA ALA A 235 4.21 29.41 11.41
C ALA A 235 3.70 29.41 9.98
N GLY A 236 3.21 30.57 9.53
CA GLY A 236 2.75 30.74 8.18
C GLY A 236 3.80 31.37 7.28
N TYR A 237 3.44 31.49 6.01
CA TYR A 237 4.35 31.94 4.97
C TYR A 237 3.60 32.87 4.04
N ASP A 238 4.20 34.00 3.70
CA ASP A 238 3.61 34.93 2.75
C ASP A 238 4.36 34.74 1.46
N HIS A 239 3.71 34.09 0.48
CA HIS A 239 4.44 33.70 -0.71
C HIS A 239 4.70 34.88 -1.64
N ILE A 240 3.96 35.98 -1.49
CA ILE A 240 4.26 37.15 -2.30
C ILE A 240 5.46 37.93 -1.75
N THR A 241 5.61 38.03 -0.43
CA THR A 241 6.77 38.74 0.14
C THR A 241 7.89 37.83 0.65
N GLY A 242 7.62 36.55 0.86
CA GLY A 242 8.65 35.68 1.41
C GLY A 242 8.78 35.73 2.91
N GLU A 243 7.85 36.39 3.60
CA GLU A 243 7.92 36.55 5.04
C GLU A 243 7.45 35.29 5.76
N GLY A 244 8.09 35.03 6.91
CA GLY A 244 7.52 34.13 7.90
C GLY A 244 6.53 34.87 8.78
N ILE A 245 5.50 34.17 9.25
CA ILE A 245 4.53 34.75 10.19
C ILE A 245 4.42 33.81 11.37
N LEU A 246 5.00 34.21 12.49
CA LEU A 246 5.31 33.33 13.63
C LEU A 246 4.63 33.84 14.88
N LYS A 247 3.99 32.94 15.60
CA LYS A 247 3.39 33.26 16.88
C LYS A 247 3.33 31.93 17.62
N VAL A 248 4.13 31.79 18.67
CA VAL A 248 4.17 30.57 19.46
C VAL A 248 3.40 30.82 20.75
N GLU A 249 2.23 30.21 20.89
CA GLU A 249 1.50 30.30 22.14
C GLU A 249 2.01 29.26 23.12
N ALA A 250 2.04 29.63 24.40
CA ALA A 250 2.45 28.75 25.49
C ALA A 250 1.43 28.90 26.61
N SER A 251 1.23 27.82 27.36
CA SER A 251 0.20 27.89 28.39
C SER A 251 0.51 26.91 29.51
N ARG A 252 0.05 27.25 30.71
CA ARG A 252 0.19 26.41 31.90
C ARG A 252 -1.15 26.39 32.60
N GLY A 253 -1.57 25.20 33.05
CA GLY A 253 -2.91 25.00 33.58
C GLY A 253 -4.02 25.65 32.79
N GLY A 254 -3.82 25.76 31.48
CA GLY A 254 -4.81 26.34 30.60
C GLY A 254 -4.79 27.85 30.45
N GLN A 255 -3.83 28.55 31.03
CA GLN A 255 -3.76 29.99 30.95
C GLN A 255 -2.52 30.40 30.17
N ALA A 256 -2.64 31.48 29.41
CA ALA A 256 -1.48 31.99 28.69
C ALA A 256 -0.43 32.46 29.68
N ILE A 257 0.81 31.99 29.51
CA ILE A 257 1.89 32.29 30.44
C ILE A 257 2.98 33.09 29.72
N ASP A 258 3.83 33.70 30.52
CA ASP A 258 4.99 34.40 30.00
C ASP A 258 6.06 33.38 29.65
N ALA A 259 6.51 33.41 28.40
CA ALA A 259 7.59 32.54 27.94
C ALA A 259 8.32 33.24 26.81
N VAL A 260 9.57 32.82 26.59
CA VAL A 260 10.45 33.47 25.62
C VAL A 260 10.67 32.52 24.46
N VAL A 261 10.63 33.06 23.24
CA VAL A 261 10.74 32.25 22.03
C VAL A 261 12.05 32.61 21.35
N ARG A 262 12.96 31.63 21.27
CA ARG A 262 14.25 31.78 20.61
C ARG A 262 14.31 30.84 19.41
N VAL A 263 14.38 31.42 18.22
CA VAL A 263 14.75 30.65 17.04
C VAL A 263 16.10 31.19 16.57
N PRO A 264 17.23 30.62 17.03
CA PRO A 264 18.56 31.13 16.67
C PRO A 264 18.71 31.54 15.19
N GLU A 265 18.52 30.55 14.30
CA GLU A 265 18.88 30.70 12.89
C GLU A 265 18.23 31.92 12.23
N LEU A 266 17.07 32.35 12.70
CA LEU A 266 16.39 33.48 12.09
C LEU A 266 16.69 34.80 12.81
N ALA A 267 17.61 34.77 13.79
CA ALA A 267 18.06 35.95 14.52
C ALA A 267 16.91 36.66 15.23
N LEU A 268 16.06 35.88 15.91
CA LEU A 268 14.95 36.48 16.63
C LEU A 268 14.80 35.90 18.03
N GLU A 269 14.45 36.80 18.94
CA GLU A 269 13.95 36.50 20.28
C GLU A 269 12.63 37.24 20.37
N LEU A 270 11.57 36.54 20.75
CA LEU A 270 10.27 37.19 20.91
C LEU A 270 9.52 36.56 22.06
N ALA A 271 8.49 37.27 22.51
CA ALA A 271 7.60 36.74 23.55
C ALA A 271 6.59 35.79 22.91
N ALA A 272 6.39 34.65 23.56
CA ALA A 272 5.24 33.82 23.27
C ALA A 272 3.97 34.64 23.39
N GLY A 273 3.02 34.38 22.49
CA GLY A 273 1.74 35.07 22.51
C GLY A 273 1.58 36.20 21.50
N THR A 274 2.65 36.65 20.88
CA THR A 274 2.59 37.77 19.94
C THR A 274 2.98 37.27 18.57
N GLU A 275 2.31 37.80 17.54
CA GLU A 275 2.55 37.43 16.16
C GLU A 275 3.52 38.42 15.54
N VAL A 276 4.52 37.88 14.85
CA VAL A 276 5.60 38.68 14.28
C VAL A 276 5.78 38.28 12.83
N ARG A 277 6.42 39.17 12.08
CA ARG A 277 6.64 38.96 10.65
C ARG A 277 8.12 38.85 10.41
N VAL A 278 8.63 37.62 10.42
CA VAL A 278 10.01 37.39 10.01
C VAL A 278 10.19 37.85 8.56
N PRO A 279 11.14 38.74 8.27
CA PRO A 279 11.29 39.28 6.91
C PRO A 279 11.42 38.25 5.81
N ALA A 280 12.28 37.22 5.94
CA ALA A 280 12.39 36.26 4.85
C ALA A 280 12.72 34.88 5.38
N VAL A 281 11.87 33.91 5.07
CA VAL A 281 12.07 32.53 5.48
C VAL A 281 12.08 31.65 4.24
N GLU A 282 12.73 30.51 4.34
CA GLU A 282 12.64 29.48 3.32
C GLU A 282 11.47 28.58 3.65
N PRO A 283 10.41 28.55 2.83
CA PRO A 283 9.19 27.86 3.23
C PRO A 283 9.39 26.36 3.34
N TRP A 284 8.46 25.71 4.05
CA TRP A 284 8.45 24.26 4.19
C TRP A 284 7.49 23.61 3.19
N SER A 285 7.95 22.56 2.52
CA SER A 285 7.10 21.65 1.77
C SER A 285 7.66 20.24 1.90
N ALA A 286 6.98 19.27 1.28
CA ALA A 286 7.50 17.90 1.33
C ALA A 286 8.68 17.71 0.39
N GLU A 287 8.80 18.53 -0.66
CA GLU A 287 9.97 18.54 -1.53
C GLU A 287 11.17 19.20 -0.85
N VAL A 288 10.94 20.27 -0.08
CA VAL A 288 11.99 20.98 0.65
C VAL A 288 11.54 21.22 2.08
N PRO A 289 11.75 20.26 2.99
CA PRO A 289 11.17 20.35 4.34
C PRO A 289 12.06 21.13 5.30
N LYS A 290 12.16 22.44 5.07
CA LYS A 290 13.02 23.31 5.85
C LYS A 290 12.48 23.46 7.27
N LEU A 291 13.30 23.11 8.27
CA LEU A 291 12.89 23.14 9.67
C LEU A 291 13.85 24.00 10.49
N TYR A 292 13.35 25.13 11.00
CA TYR A 292 14.13 25.98 11.91
C TYR A 292 13.98 25.50 13.35
N GLU A 293 15.10 25.18 14.00
CA GLU A 293 15.06 24.73 15.38
C GLU A 293 14.74 25.91 16.29
N ALA A 294 14.00 25.62 17.35
CA ALA A 294 13.48 26.68 18.19
C ALA A 294 13.19 26.13 19.58
N ALA A 295 13.16 27.03 20.55
CA ALA A 295 12.73 26.65 21.88
C ALA A 295 11.88 27.75 22.46
N VAL A 296 10.85 27.36 23.18
CA VAL A 296 10.09 28.25 24.04
C VAL A 296 10.32 27.77 25.47
N SER A 297 10.61 28.72 26.36
CA SER A 297 11.01 28.37 27.71
C SER A 297 10.47 29.38 28.71
N ALA A 298 10.19 28.88 29.90
CA ALA A 298 9.88 29.71 31.05
C ALA A 298 10.81 29.22 32.17
N ALA A 299 10.47 29.59 33.41
CA ALA A 299 11.41 29.41 34.52
C ALA A 299 11.69 27.94 34.80
N GLY A 300 10.66 27.11 34.85
CA GLY A 300 10.83 25.72 35.22
C GLY A 300 10.91 24.72 34.08
N GLU A 301 10.84 25.18 32.84
CA GLU A 301 10.66 24.23 31.74
C GLU A 301 10.98 24.90 30.42
N SER A 302 11.73 24.20 29.59
CA SER A 302 11.98 24.60 28.22
C SER A 302 11.42 23.53 27.31
N VAL A 303 10.97 23.96 26.12
CA VAL A 303 10.39 23.05 25.13
C VAL A 303 11.04 23.29 23.77
N ALA A 304 11.51 22.21 23.15
CA ALA A 304 12.12 22.28 21.82
C ALA A 304 11.07 22.02 20.73
N LEU A 305 11.23 22.74 19.62
CA LEU A 305 10.31 22.68 18.50
C LEU A 305 11.09 22.68 17.21
N GLN A 306 10.64 21.89 16.25
CA GLN A 306 10.94 22.22 14.87
C GLN A 306 9.78 23.03 14.28
N ILE A 307 10.12 23.96 13.40
CA ILE A 307 9.16 24.94 12.91
C ILE A 307 9.24 25.01 11.40
N GLY A 308 8.16 24.63 10.73
CA GLY A 308 8.08 24.75 9.28
C GLY A 308 7.12 25.84 8.87
N PHE A 309 7.62 26.84 8.18
CA PHE A 309 6.79 27.96 7.75
C PHE A 309 6.03 27.55 6.50
N ARG A 310 4.73 27.28 6.66
CA ARG A 310 3.91 26.95 5.50
C ARG A 310 2.46 27.35 5.78
N SER A 311 1.76 27.69 4.70
CA SER A 311 0.40 28.21 4.74
C SER A 311 -0.48 27.43 3.76
N ILE A 312 -1.56 26.87 4.27
CA ILE A 312 -2.45 26.06 3.44
C ILE A 312 -3.63 26.94 3.08
N ALA A 313 -4.06 26.89 1.82
CA ALA A 313 -5.26 27.61 1.44
C ALA A 313 -5.98 26.90 0.31
N ILE A 314 -7.25 27.23 0.16
CA ILE A 314 -8.06 26.73 -0.93
C ILE A 314 -8.58 27.92 -1.72
N GLU A 315 -8.18 28.01 -2.98
CA GLU A 315 -8.74 29.00 -3.89
C GLU A 315 -8.82 28.44 -5.31
N ASP A 316 -9.75 28.99 -6.09
CA ASP A 316 -10.02 28.52 -7.44
C ASP A 316 -10.13 27.00 -7.45
N ALA A 317 -10.82 26.49 -6.42
CA ALA A 317 -11.10 25.07 -6.26
C ALA A 317 -9.84 24.21 -6.29
N GLN A 318 -8.73 24.76 -5.82
CA GLN A 318 -7.48 24.02 -5.74
C GLN A 318 -6.97 24.01 -4.31
N PHE A 319 -6.27 22.94 -3.95
CA PHE A 319 -5.62 22.82 -2.65
C PHE A 319 -4.18 23.32 -2.78
N LYS A 320 -3.91 24.49 -2.20
CA LYS A 320 -2.63 25.16 -2.39
C LYS A 320 -1.83 25.20 -1.10
N VAL A 321 -0.52 25.04 -1.23
CA VAL A 321 0.43 25.19 -0.16
C VAL A 321 1.45 26.21 -0.61
N ASN A 322 1.61 27.27 0.20
CA ASN A 322 2.55 28.37 -0.05
C ASN A 322 2.33 29.01 -1.42
N GLY A 323 1.04 29.13 -1.82
CA GLY A 323 0.67 29.74 -3.08
C GLY A 323 0.66 28.81 -4.31
N ARG A 324 1.14 27.57 -4.22
CA ARG A 324 1.20 26.72 -5.40
C ARG A 324 0.36 25.46 -5.21
N ARG A 325 -0.43 25.13 -6.23
CA ARG A 325 -1.20 23.88 -6.22
C ARG A 325 -0.28 22.67 -6.16
N ILE A 326 -0.43 21.84 -5.16
CA ILE A 326 0.40 20.68 -5.00
C ILE A 326 -0.32 19.46 -5.56
N LEU A 327 0.44 18.41 -5.82
CA LEU A 327 -0.10 17.13 -6.24
C LEU A 327 0.26 16.10 -5.19
N LEU A 328 -0.74 15.41 -4.67
CA LEU A 328 -0.56 14.46 -3.59
C LEU A 328 -0.22 13.08 -4.15
N ARG A 329 1.05 12.70 -4.07
CA ARG A 329 1.50 11.34 -4.30
C ARG A 329 1.56 10.63 -2.95
N GLY A 330 0.44 10.02 -2.53
CA GLY A 330 0.29 9.51 -1.19
C GLY A 330 -0.07 8.03 -1.07
N VAL A 331 0.07 7.52 0.17
CA VAL A 331 -0.33 6.18 0.55
C VAL A 331 -1.07 6.28 1.88
N ASN A 332 -1.74 5.19 2.26
CA ASN A 332 -2.41 5.09 3.56
C ASN A 332 -1.55 4.25 4.50
N ARG A 333 -0.93 4.88 5.50
CA ARG A 333 -0.07 4.18 6.45
C ARG A 333 -0.91 3.72 7.64
N HIS A 334 -1.03 2.41 7.81
CA HIS A 334 -1.49 1.76 9.04
C HIS A 334 -0.27 1.50 9.92
N GLU A 335 -0.54 1.25 11.20
CA GLU A 335 0.55 0.92 12.11
C GLU A 335 0.48 -0.58 12.39
N HIS A 336 1.41 -1.33 11.81
CA HIS A 336 1.41 -2.78 11.92
C HIS A 336 2.82 -3.33 11.77
N HIS A 337 3.10 -4.40 12.53
CA HIS A 337 4.39 -5.10 12.51
C HIS A 337 4.13 -6.60 12.63
N PRO A 338 4.77 -7.43 11.80
CA PRO A 338 4.32 -8.84 11.65
C PRO A 338 4.41 -9.68 12.92
N ARG A 339 5.27 -9.33 13.88
CA ARG A 339 5.42 -10.09 15.12
C ARG A 339 5.03 -9.31 16.36
N LEU A 340 4.87 -7.99 16.29
CA LEU A 340 4.54 -7.18 17.44
C LEU A 340 3.16 -6.54 17.35
N GLY A 341 2.42 -6.82 16.29
CA GLY A 341 1.09 -6.26 16.14
C GLY A 341 1.11 -4.76 15.94
N ARG A 342 0.47 -4.02 16.84
CA ARG A 342 0.34 -2.59 16.66
C ARG A 342 1.58 -1.83 17.10
N VAL A 343 2.52 -2.51 17.75
CA VAL A 343 3.76 -1.86 18.16
C VAL A 343 4.70 -1.84 16.96
N VAL A 344 5.13 -0.65 16.55
CA VAL A 344 6.00 -0.54 15.39
C VAL A 344 7.33 0.06 15.86
N PRO A 345 8.41 -0.72 15.89
CA PRO A 345 9.71 -0.22 16.35
C PRO A 345 10.21 0.98 15.55
N ARG A 346 10.83 1.94 16.27
CA ARG A 346 11.20 3.19 15.64
C ARG A 346 12.17 3.00 14.48
N ASP A 347 13.04 1.98 14.56
CA ASP A 347 13.90 1.69 13.42
C ASP A 347 13.07 1.27 12.21
N VAL A 348 11.97 0.54 12.44
CA VAL A 348 11.11 0.15 11.33
C VAL A 348 10.39 1.37 10.77
N VAL A 349 10.13 2.37 11.60
CA VAL A 349 9.42 3.56 11.14
C VAL A 349 10.29 4.41 10.22
N GLU A 350 11.52 4.73 10.64
CA GLU A 350 12.35 5.55 9.77
C GLU A 350 12.78 4.78 8.53
N ALA A 351 12.81 3.45 8.63
CA ALA A 351 13.10 2.63 7.46
C ALA A 351 11.95 2.69 6.46
N GLU A 352 10.73 2.41 6.91
CA GLU A 352 9.62 2.44 5.97
C GLU A 352 9.40 3.84 5.40
N LEU A 353 9.71 4.89 6.17
CA LEU A 353 9.47 6.24 5.67
C LEU A 353 10.53 6.65 4.65
N ARG A 354 11.78 6.23 4.87
CA ARG A 354 12.79 6.45 3.84
C ARG A 354 12.51 5.59 2.60
N LEU A 355 11.98 4.39 2.80
CA LEU A 355 11.50 3.60 1.66
C LEU A 355 10.52 4.40 0.82
N MET A 356 9.56 5.05 1.48
CA MET A 356 8.53 5.79 0.76
C MET A 356 9.13 6.89 -0.09
N LYS A 357 9.99 7.73 0.51
CA LYS A 357 10.66 8.78 -0.26
C LYS A 357 11.41 8.18 -1.44
N GLN A 358 12.01 7.00 -1.23
CA GLN A 358 12.78 6.36 -2.27
C GLN A 358 11.91 5.91 -3.42
N HIS A 359 10.59 5.91 -3.25
CA HIS A 359 9.68 5.56 -4.32
C HIS A 359 8.79 6.74 -4.71
N ASN A 360 9.32 7.96 -4.55
CA ASN A 360 8.74 9.21 -5.02
C ASN A 360 7.49 9.65 -4.28
N ILE A 361 7.13 8.98 -3.18
CA ILE A 361 5.97 9.36 -2.40
C ILE A 361 6.20 10.69 -1.69
N ASN A 362 5.16 11.53 -1.65
CA ASN A 362 5.27 12.80 -0.95
C ASN A 362 4.11 13.08 0.01
N ALA A 363 3.21 12.13 0.24
CA ALA A 363 2.08 12.34 1.14
C ALA A 363 1.73 11.04 1.85
N ILE A 364 1.12 11.16 3.04
CA ILE A 364 0.75 10.04 3.88
C ILE A 364 -0.57 10.37 4.55
N ARG A 365 -1.46 9.38 4.66
CA ARG A 365 -2.70 9.51 5.40
C ARG A 365 -2.72 8.45 6.48
N THR A 366 -3.00 8.86 7.71
CA THR A 366 -2.82 7.99 8.87
C THR A 366 -4.08 7.16 9.10
N SER A 367 -4.43 6.34 8.09
CA SER A 367 -5.59 5.44 8.21
C SER A 367 -5.47 4.50 9.41
N HIS A 368 -6.45 4.51 10.32
CA HIS A 368 -7.53 5.50 10.43
C HIS A 368 -7.59 5.93 11.88
N TYR A 369 -6.50 6.55 12.32
CA TYR A 369 -6.24 6.89 13.70
C TYR A 369 -4.93 7.66 13.73
N PRO A 370 -4.67 8.46 14.76
CA PRO A 370 -3.38 9.12 14.83
C PRO A 370 -2.28 8.11 15.08
N PRO A 371 -1.09 8.33 14.53
CA PRO A 371 -0.01 7.37 14.71
C PRO A 371 0.70 7.53 16.04
N HIS A 372 1.79 6.81 16.21
CA HIS A 372 2.68 7.02 17.35
C HIS A 372 3.12 8.48 17.41
N PRO A 373 3.13 9.10 18.59
CA PRO A 373 3.55 10.52 18.69
C PRO A 373 4.84 10.81 17.98
N GLN A 374 5.79 9.86 18.02
N GLN A 374 5.80 9.90 18.00
CA GLN A 374 7.10 10.02 17.40
CA GLN A 374 7.09 10.19 17.38
C GLN A 374 7.01 10.14 15.89
C GLN A 374 7.05 10.09 15.87
N PHE A 375 5.95 9.62 15.28
CA PHE A 375 5.83 9.63 13.82
C PHE A 375 5.80 11.04 13.28
N LEU A 376 5.15 11.97 13.99
CA LEU A 376 4.90 13.29 13.43
C LEU A 376 6.19 14.03 13.11
N ALA A 377 7.16 14.01 14.04
CA ALA A 377 8.41 14.72 13.79
C ALA A 377 9.14 14.18 12.58
N LEU A 378 9.01 12.88 12.31
CA LEU A 378 9.70 12.29 11.15
C LEU A 378 9.05 12.72 9.84
N ALA A 379 7.73 12.91 9.82
CA ALA A 379 7.10 13.50 8.65
C ALA A 379 7.52 14.95 8.46
N ASP A 380 7.72 15.69 9.54
CA ASP A 380 8.23 17.05 9.42
C ASP A 380 9.60 17.06 8.75
N GLN A 381 10.47 16.12 9.16
CA GLN A 381 11.87 16.14 8.78
C GLN A 381 12.10 15.59 7.39
N LEU A 382 11.50 14.43 7.10
CA LEU A 382 11.76 13.73 5.84
C LEU A 382 10.93 14.30 4.69
N GLY A 383 9.72 14.75 4.96
CA GLY A 383 8.99 15.49 3.95
C GLY A 383 7.80 14.74 3.38
N PHE A 384 6.62 15.02 3.91
CA PHE A 384 5.36 14.39 3.55
C PHE A 384 4.24 15.35 3.90
N TYR A 385 3.31 15.55 2.98
CA TYR A 385 2.03 16.13 3.37
C TYR A 385 1.21 15.04 4.05
N VAL A 386 0.82 15.24 5.31
CA VAL A 386 0.10 14.16 5.99
C VAL A 386 -1.35 14.56 6.28
N VAL A 387 -2.24 13.58 6.24
CA VAL A 387 -3.61 13.77 6.70
C VAL A 387 -3.71 13.08 8.04
N LEU A 388 -3.94 13.88 9.07
CA LEU A 388 -3.94 13.36 10.42
C LEU A 388 -5.38 13.04 10.76
N GLU A 389 -5.65 11.77 11.03
CA GLU A 389 -7.01 11.28 11.09
C GLU A 389 -7.33 10.87 12.52
N CYS A 390 -8.46 11.39 13.01
CA CYS A 390 -9.00 11.02 14.30
C CYS A 390 -9.42 9.56 14.32
N ASP A 391 -9.22 8.93 15.48
CA ASP A 391 -9.65 7.56 15.71
C ASP A 391 -11.18 7.48 15.84
N LEU A 392 -11.85 7.39 14.69
CA LEU A 392 -13.30 7.21 14.64
C LEU A 392 -13.71 6.44 13.40
N GLU A 393 -14.43 5.32 13.57
CA GLU A 393 -14.95 4.56 12.41
C GLU A 393 -16.05 3.64 12.88
N THR A 394 -17.23 3.74 12.26
CA THR A 394 -18.40 2.99 12.67
C THR A 394 -18.94 2.15 11.53
N HIS A 395 -18.04 1.54 10.76
CA HIS A 395 -18.37 0.96 9.47
C HIS A 395 -19.43 -0.12 9.61
N GLY A 396 -19.26 -0.99 10.61
CA GLY A 396 -20.16 -2.09 10.84
C GLY A 396 -21.63 -1.73 10.95
N PHE A 397 -21.94 -0.44 11.03
CA PHE A 397 -23.34 -0.03 11.14
C PHE A 397 -24.02 0.14 9.78
N GLU A 398 -23.24 0.26 8.71
CA GLU A 398 -23.78 0.42 7.37
C GLU A 398 -24.79 -0.68 7.03
N SER A 399 -24.43 -1.94 7.30
CA SER A 399 -25.28 -3.07 6.89
C SER A 399 -26.70 -2.97 7.41
N ALA A 400 -26.94 -2.20 8.48
CA ALA A 400 -28.28 -1.99 9.01
C ALA A 400 -28.85 -0.64 8.61
N GLY A 401 -28.36 -0.06 7.53
CA GLY A 401 -28.85 1.23 7.12
C GLY A 401 -28.48 2.30 8.10
N TRP A 402 -27.35 2.12 8.79
CA TRP A 402 -26.81 3.10 9.73
C TRP A 402 -27.73 3.33 10.92
N ALA A 403 -28.63 2.38 11.19
CA ALA A 403 -29.41 2.38 12.41
C ALA A 403 -28.50 2.28 13.62
N GLN A 404 -28.79 3.09 14.63
CA GLN A 404 -28.02 3.14 15.87
C GLN A 404 -26.60 3.64 15.67
N ASN A 405 -26.28 4.29 14.53
CA ASN A 405 -24.90 4.73 14.25
C ASN A 405 -24.42 5.77 15.27
N PRO A 406 -23.31 5.53 15.97
CA PRO A 406 -22.84 6.48 16.99
C PRO A 406 -22.56 7.87 16.47
N SER A 407 -22.26 8.06 15.18
CA SER A 407 -22.01 9.41 14.69
C SER A 407 -23.25 10.28 14.73
N ASP A 408 -24.43 9.71 14.93
CA ASP A 408 -25.64 10.51 15.00
C ASP A 408 -26.40 10.30 16.31
N ASP A 409 -25.84 9.56 17.27
CA ASP A 409 -26.47 9.36 18.58
C ASP A 409 -26.00 10.44 19.56
N PRO A 410 -26.84 11.42 19.91
CA PRO A 410 -26.41 12.49 20.82
C PRO A 410 -25.73 11.99 22.09
N GLN A 411 -25.94 10.72 22.44
CA GLN A 411 -25.28 10.14 23.60
C GLN A 411 -23.78 9.94 23.39
N TRP A 412 -23.29 10.08 22.15
CA TRP A 412 -21.88 9.91 21.88
C TRP A 412 -21.16 11.23 21.62
N GLU A 413 -21.89 12.35 21.44
CA GLU A 413 -21.25 13.64 21.18
C GLU A 413 -20.01 13.83 22.03
N ASP A 414 -20.15 13.65 23.35
CA ASP A 414 -19.03 13.91 24.25
C ASP A 414 -17.87 12.99 23.94
N ALA A 415 -18.16 11.70 23.73
CA ALA A 415 -17.10 10.74 23.44
C ALA A 415 -16.36 11.12 22.17
N LEU A 416 -17.10 11.58 21.14
CA LEU A 416 -16.49 11.77 19.83
C LEU A 416 -15.73 13.09 19.75
N VAL A 417 -16.31 14.16 20.30
CA VAL A 417 -15.59 15.41 20.39
C VAL A 417 -14.31 15.23 21.20
N ASP A 418 -14.31 14.33 22.19
CA ASP A 418 -13.08 14.10 22.93
C ASP A 418 -12.04 13.42 22.03
N ARG A 419 -12.49 12.51 21.17
CA ARG A 419 -11.54 11.91 20.24
C ARG A 419 -10.95 12.96 19.31
N MET A 420 -11.78 13.91 18.84
CA MET A 420 -11.25 14.93 17.92
C MET A 420 -10.31 15.87 18.65
N ARG A 421 -10.67 16.29 19.87
CA ARG A 421 -9.83 17.22 20.61
C ARG A 421 -8.45 16.62 20.84
N ARG A 422 -8.42 15.41 21.42
CA ARG A 422 -7.15 14.74 21.68
C ARG A 422 -6.33 14.57 20.42
N THR A 423 -7.00 14.19 19.33
CA THR A 423 -6.34 14.07 18.04
C THR A 423 -5.68 15.38 17.63
N VAL A 424 -6.46 16.46 17.65
CA VAL A 424 -5.97 17.74 17.17
C VAL A 424 -4.89 18.26 18.09
N GLU A 425 -5.16 18.22 19.41
CA GLU A 425 -4.26 18.82 20.38
C GLU A 425 -2.87 18.22 20.28
N ARG A 426 -2.79 16.89 20.22
CA ARG A 426 -1.48 16.22 20.26
C ARG A 426 -0.56 16.70 19.16
N ASP A 427 -1.07 16.85 17.93
CA ASP A 427 -0.21 17.05 16.77
C ASP A 427 -0.34 18.43 16.11
N LYS A 428 -1.06 19.37 16.72
CA LYS A 428 -1.28 20.67 16.09
C LYS A 428 0.00 21.43 15.74
N ASN A 429 1.16 21.03 16.25
CA ASN A 429 2.36 21.87 16.12
C ASN A 429 3.24 21.50 14.93
N HIS A 430 2.85 20.53 14.12
CA HIS A 430 3.72 19.91 13.12
C HIS A 430 3.32 20.37 11.72
N ALA A 431 4.27 21.01 11.03
CA ALA A 431 3.94 21.56 9.73
C ALA A 431 3.55 20.49 8.71
N SER A 432 3.96 19.23 8.93
CA SER A 432 3.68 18.20 7.95
C SER A 432 2.19 17.87 7.87
N VAL A 433 1.41 18.12 8.92
CA VAL A 433 -0.01 17.86 8.87
C VAL A 433 -0.71 19.04 8.21
N VAL A 434 -1.33 18.75 7.07
CA VAL A 434 -2.00 19.73 6.22
C VAL A 434 -3.48 19.53 6.17
N MET A 435 -3.99 18.48 6.82
CA MET A 435 -5.43 18.27 6.90
C MET A 435 -5.74 17.52 8.19
N TRP A 436 -6.80 17.95 8.87
CA TRP A 436 -7.42 17.11 9.89
C TRP A 436 -8.53 16.29 9.23
N SER A 437 -8.62 15.01 9.62
CA SER A 437 -9.65 14.11 9.12
C SER A 437 -10.51 13.61 10.28
N LEU A 438 -11.82 13.85 10.19
CA LEU A 438 -12.76 13.51 11.27
C LEU A 438 -12.85 12.02 11.52
N GLY A 439 -12.24 11.19 10.68
CA GLY A 439 -12.36 9.75 10.82
C GLY A 439 -12.66 9.13 9.48
N ASN A 440 -13.34 7.99 9.48
CA ASN A 440 -13.40 7.24 8.24
C ASN A 440 -14.47 6.17 8.33
N GLU A 441 -15.27 6.05 7.26
CA GLU A 441 -16.37 5.08 7.17
C GLU A 441 -17.25 5.12 8.41
N ALA A 442 -17.75 6.32 8.74
CA ALA A 442 -18.52 6.53 9.95
C ALA A 442 -19.91 7.08 9.67
N GLY A 443 -20.32 7.10 8.40
CA GLY A 443 -21.64 7.59 8.07
C GLY A 443 -21.67 9.11 8.07
N THR A 444 -22.90 9.65 8.15
CA THR A 444 -23.14 11.06 8.41
C THR A 444 -23.86 11.21 9.74
N GLY A 445 -23.73 12.38 10.37
CA GLY A 445 -24.33 12.55 11.68
C GLY A 445 -23.97 13.79 12.48
N ARG A 446 -24.83 14.10 13.45
CA ARG A 446 -24.69 15.31 14.27
C ARG A 446 -23.32 15.40 14.94
N ASN A 447 -22.81 14.25 15.39
CA ASN A 447 -21.54 14.26 16.10
C ASN A 447 -20.39 14.62 15.18
N LEU A 448 -20.42 14.10 13.96
CA LEU A 448 -19.41 14.47 12.97
C LEU A 448 -19.42 15.97 12.75
N ALA A 449 -20.60 16.57 12.66
CA ALA A 449 -20.66 18.00 12.47
C ALA A 449 -20.12 18.73 13.71
N ALA A 450 -20.37 18.20 14.91
CA ALA A 450 -19.76 18.82 16.08
C ALA A 450 -18.25 18.63 16.08
N MET A 451 -17.76 17.51 15.55
CA MET A 451 -16.30 17.37 15.47
C MET A 451 -15.73 18.43 14.54
N SER A 452 -16.41 18.68 13.42
CA SER A 452 -15.95 19.66 12.46
C SER A 452 -16.00 21.05 13.06
N ARG A 453 -17.13 21.38 13.69
CA ARG A 453 -17.29 22.70 14.28
C ARG A 453 -16.18 23.01 15.28
N TRP A 454 -15.86 22.04 16.14
CA TRP A 454 -14.81 22.22 17.13
C TRP A 454 -13.45 22.45 16.46
N THR A 455 -13.14 21.64 15.45
CA THR A 455 -11.84 21.74 14.81
C THR A 455 -11.64 23.09 14.11
N LYS A 456 -12.63 23.54 13.31
CA LYS A 456 -12.53 24.85 12.65
C LYS A 456 -12.27 25.95 13.67
N ASP A 457 -12.88 25.83 14.85
CA ASP A 457 -12.66 26.81 15.90
C ASP A 457 -11.25 26.72 16.45
N ARG A 458 -10.83 25.51 16.86
CA ARG A 458 -9.55 25.34 17.54
C ARG A 458 -8.37 25.65 16.61
N ASP A 459 -8.42 25.17 15.37
CA ASP A 459 -7.30 25.29 14.43
C ASP A 459 -7.83 25.65 13.04
N PRO A 460 -8.02 26.94 12.76
CA PRO A 460 -8.45 27.36 11.42
C PRO A 460 -7.41 27.19 10.34
N SER A 461 -6.19 26.79 10.65
CA SER A 461 -5.08 26.80 9.71
C SER A 461 -5.00 25.55 8.82
N ARG A 462 -5.74 24.49 9.14
CA ARG A 462 -5.73 23.35 8.28
C ARG A 462 -7.15 23.03 7.85
N PRO A 463 -7.35 22.65 6.59
CA PRO A 463 -8.70 22.32 6.13
C PRO A 463 -9.09 20.94 6.60
N ILE A 464 -10.40 20.67 6.52
CA ILE A 464 -11.00 19.51 7.19
C ILE A 464 -11.44 18.48 6.15
N HIS A 465 -11.04 17.23 6.39
CA HIS A 465 -11.29 16.10 5.50
C HIS A 465 -12.23 15.10 6.15
N TYR A 466 -13.22 14.64 5.40
CA TYR A 466 -14.05 13.49 5.77
C TYR A 466 -14.81 12.99 4.56
N GLU A 467 -14.64 11.69 4.23
CA GLU A 467 -15.16 11.15 2.99
C GLU A 467 -16.62 10.74 3.08
N GLY A 468 -17.04 10.26 4.25
CA GLY A 468 -18.29 9.53 4.46
C GLY A 468 -19.57 10.34 4.27
N ASP A 469 -19.50 11.66 4.16
CA ASP A 469 -20.66 12.50 3.88
C ASP A 469 -20.40 13.16 2.53
N TRP A 470 -20.96 12.55 1.48
CA TRP A 470 -20.63 12.98 0.12
C TRP A 470 -21.10 14.40 -0.15
N SER A 471 -22.21 14.80 0.49
CA SER A 471 -22.67 16.18 0.44
C SER A 471 -21.60 17.18 0.82
N SER A 472 -20.60 16.76 1.61
CA SER A 472 -19.46 17.62 1.95
C SER A 472 -19.89 18.88 2.71
N GLU A 473 -20.90 18.74 3.56
CA GLU A 473 -21.42 19.90 4.29
C GLU A 473 -20.40 20.42 5.32
N HIS A 474 -19.74 19.52 6.03
CA HIS A 474 -18.90 19.91 7.15
C HIS A 474 -17.42 19.65 6.87
N VAL A 475 -17.00 19.80 5.62
CA VAL A 475 -15.60 19.60 5.26
C VAL A 475 -15.22 20.71 4.28
N ASP A 476 -13.93 20.76 3.96
CA ASP A 476 -13.42 21.79 3.07
C ASP A 476 -12.88 21.24 1.77
N VAL A 477 -12.65 19.94 1.69
CA VAL A 477 -12.27 19.26 0.45
C VAL A 477 -13.31 18.18 0.15
N TYR A 478 -13.55 17.95 -1.13
CA TYR A 478 -14.37 16.85 -1.60
C TYR A 478 -13.51 15.60 -1.70
N SER A 479 -13.90 14.54 -0.98
CA SER A 479 -13.08 13.35 -0.85
C SER A 479 -13.90 12.10 -1.11
N ARG A 480 -13.33 11.19 -1.90
CA ARG A 480 -13.97 9.95 -2.27
C ARG A 480 -12.94 8.82 -2.18
N MET A 481 -13.45 7.58 -2.18
CA MET A 481 -12.63 6.38 -2.29
C MET A 481 -12.95 5.65 -3.57
N TYR A 482 -11.91 5.23 -4.29
CA TYR A 482 -12.07 4.31 -5.42
C TYR A 482 -13.07 4.82 -6.44
N ALA A 483 -13.28 6.13 -6.50
CA ALA A 483 -14.08 6.66 -7.60
C ALA A 483 -13.41 6.29 -8.92
N SER A 484 -14.20 5.86 -9.88
CA SER A 484 -13.66 5.35 -11.12
C SER A 484 -12.87 6.43 -11.87
N GLN A 485 -11.96 5.98 -12.74
CA GLN A 485 -11.23 6.91 -13.58
C GLN A 485 -12.18 7.82 -14.36
N ALA A 486 -13.35 7.32 -14.72
CA ALA A 486 -14.33 8.13 -15.44
C ALA A 486 -14.88 9.26 -14.56
N GLU A 487 -15.50 8.89 -13.42
CA GLU A 487 -16.02 9.90 -12.51
C GLU A 487 -14.96 10.91 -12.12
N THR A 488 -13.70 10.46 -11.95
CA THR A 488 -12.62 11.38 -11.59
C THR A 488 -12.36 12.40 -12.70
N ALA A 489 -12.50 12.01 -13.97
CA ALA A 489 -12.39 12.99 -15.03
C ALA A 489 -13.57 13.98 -15.03
N LEU A 490 -14.78 13.50 -14.71
CA LEU A 490 -15.93 14.40 -14.61
C LEU A 490 -15.72 15.43 -13.49
N ILE A 491 -15.19 14.98 -12.35
CA ILE A 491 -14.93 15.89 -11.25
C ILE A 491 -13.76 16.81 -11.61
N GLY A 492 -12.74 16.29 -12.30
CA GLY A 492 -11.65 17.15 -12.72
C GLY A 492 -12.12 18.34 -13.51
N GLN A 493 -13.18 18.19 -14.27
CA GLN A 493 -13.76 19.27 -15.06
C GLN A 493 -14.93 19.92 -14.34
N GLY A 494 -15.14 19.56 -13.09
CA GLY A 494 -16.27 20.04 -12.32
C GLY A 494 -17.58 19.93 -13.05
N ILE A 495 -17.93 18.73 -13.49
CA ILE A 495 -19.21 18.54 -14.16
C ILE A 495 -19.90 17.30 -13.60
N GLU A 496 -19.47 16.85 -12.42
CA GLU A 496 -20.16 15.76 -11.73
C GLU A 496 -21.63 16.17 -11.53
N PRO A 497 -22.53 15.20 -11.40
CA PRO A 497 -23.94 15.55 -11.21
C PRO A 497 -24.09 16.37 -9.94
N ALA A 498 -24.99 17.37 -9.99
CA ALA A 498 -25.10 18.35 -8.93
C ALA A 498 -25.82 17.80 -7.70
N LEU A 499 -25.44 18.31 -6.52
CA LEU A 499 -26.09 17.90 -5.29
C LEU A 499 -27.51 18.42 -5.25
N ASN A 500 -28.39 17.70 -4.54
CA ASN A 500 -29.79 18.11 -4.52
C ASN A 500 -29.96 19.50 -3.94
N ASP A 501 -29.25 19.78 -2.85
CA ASP A 501 -29.29 21.10 -2.27
C ASP A 501 -28.49 22.06 -3.13
N ALA A 502 -29.16 23.09 -3.65
CA ALA A 502 -28.43 24.08 -4.43
C ALA A 502 -27.29 24.71 -3.63
N ALA A 503 -27.54 25.05 -2.36
CA ALA A 503 -26.51 25.72 -1.59
C ALA A 503 -25.32 24.80 -1.34
N LEU A 504 -25.60 23.57 -0.89
CA LEU A 504 -24.52 22.59 -0.70
C LEU A 504 -23.73 22.39 -1.97
N ASP A 505 -24.43 22.18 -3.09
CA ASP A 505 -23.75 21.89 -4.35
C ASP A 505 -22.78 23.00 -4.73
N ALA A 506 -23.18 24.25 -4.54
CA ALA A 506 -22.30 25.38 -4.82
C ALA A 506 -21.03 25.30 -3.99
N ARG A 507 -21.17 24.97 -2.71
CA ARG A 507 -19.98 24.79 -1.89
C ARG A 507 -19.09 23.70 -2.48
N ARG A 508 -19.62 22.48 -2.64
CA ARG A 508 -18.76 21.36 -3.03
C ARG A 508 -18.07 21.62 -4.36
N ARG A 509 -18.79 22.22 -5.33
CA ARG A 509 -18.18 22.52 -6.61
C ARG A 509 -16.96 23.42 -6.50
N ALA A 510 -16.89 24.23 -5.43
CA ALA A 510 -15.74 25.08 -5.19
C ALA A 510 -14.63 24.38 -4.42
N MET A 511 -14.84 23.08 -3.94
CA MET A 511 -13.70 22.49 -3.24
C MET A 511 -12.79 21.74 -4.21
N PRO A 512 -11.51 21.63 -3.89
CA PRO A 512 -10.67 20.67 -4.61
C PRO A 512 -11.08 19.25 -4.24
N PHE A 513 -10.65 18.29 -5.05
CA PHE A 513 -11.05 16.89 -4.93
C PHE A 513 -9.83 16.03 -4.64
N VAL A 514 -9.94 15.14 -3.65
CA VAL A 514 -8.89 14.20 -3.27
C VAL A 514 -9.48 12.79 -3.21
N LEU A 515 -8.70 11.78 -3.66
CA LEU A 515 -9.03 10.38 -3.46
C LEU A 515 -8.26 9.87 -2.24
N CYS A 516 -8.96 9.69 -1.12
CA CYS A 516 -8.22 9.27 0.07
C CYS A 516 -7.82 7.82 -0.03
N GLU A 517 -8.51 7.04 -0.86
CA GLU A 517 -8.17 5.67 -1.18
C GLU A 517 -8.45 5.43 -2.67
N TYR A 518 -7.46 4.91 -3.39
CA TYR A 518 -7.68 4.51 -4.78
C TYR A 518 -6.67 3.43 -5.16
N VAL A 519 -6.81 2.94 -6.40
CA VAL A 519 -6.02 1.84 -6.97
C VAL A 519 -5.68 0.78 -5.93
N HIS A 520 -6.71 0.14 -5.38
CA HIS A 520 -6.57 -0.90 -4.38
C HIS A 520 -5.51 -1.93 -4.74
N ALA A 521 -4.43 -1.96 -3.96
CA ALA A 521 -3.23 -2.74 -4.26
C ALA A 521 -3.23 -4.14 -3.63
N MET A 522 -4.37 -4.80 -3.58
CA MET A 522 -4.41 -6.19 -3.14
C MET A 522 -3.85 -7.12 -4.20
N GLY A 523 -2.99 -8.04 -3.79
CA GLY A 523 -2.35 -9.04 -4.62
C GLY A 523 -1.74 -8.48 -5.88
N ASN A 524 -1.81 -9.26 -6.96
CA ASN A 524 -1.33 -8.86 -8.27
C ASN A 524 -2.07 -7.63 -8.79
N GLY A 525 -1.36 -6.50 -8.85
CA GLY A 525 -1.90 -5.21 -9.19
C GLY A 525 -1.07 -4.14 -8.52
N PRO A 526 -1.60 -2.91 -8.47
CA PRO A 526 -2.91 -2.54 -8.98
C PRO A 526 -2.85 -2.03 -10.40
N GLY A 527 -3.85 -2.40 -11.19
CA GLY A 527 -3.93 -1.96 -12.56
C GLY A 527 -4.73 -0.68 -12.68
N GLY A 528 -4.43 0.09 -13.72
CA GLY A 528 -5.12 1.36 -13.96
C GLY A 528 -4.54 2.59 -13.27
N MET A 529 -3.31 2.53 -12.73
CA MET A 529 -2.73 3.71 -12.09
C MET A 529 -2.44 4.81 -13.10
N SER A 530 -1.97 4.44 -14.30
CA SER A 530 -1.56 5.45 -15.25
C SER A 530 -2.74 6.33 -15.66
N GLU A 531 -3.89 5.70 -15.91
CA GLU A 531 -5.10 6.42 -16.26
C GLU A 531 -5.48 7.45 -15.19
N TYR A 532 -5.33 7.10 -13.92
CA TYR A 532 -5.59 8.05 -12.83
C TYR A 532 -4.57 9.18 -12.83
N GLN A 533 -3.29 8.85 -13.00
CA GLN A 533 -2.25 9.87 -12.93
C GLN A 533 -2.42 10.91 -14.03
N ALA A 534 -2.78 10.47 -15.24
CA ALA A 534 -2.98 11.42 -16.32
C ALA A 534 -3.99 12.49 -15.92
N LEU A 535 -5.04 12.09 -15.18
CA LEU A 535 -6.07 13.04 -14.80
C LEU A 535 -5.57 14.00 -13.72
N PHE A 536 -4.74 13.49 -12.79
CA PHE A 536 -4.13 14.34 -11.76
C PHE A 536 -3.33 15.48 -12.37
N GLU A 537 -2.54 15.20 -13.40
CA GLU A 537 -1.75 16.24 -14.07
C GLU A 537 -2.63 17.16 -14.90
N LYS A 538 -3.66 16.62 -15.56
CA LYS A 538 -4.43 17.42 -16.51
C LYS A 538 -5.38 18.40 -15.81
N TYR A 539 -5.80 18.09 -14.59
CA TYR A 539 -6.89 18.82 -13.98
C TYR A 539 -6.45 19.37 -12.62
N PRO A 540 -6.50 20.68 -12.42
CA PRO A 540 -5.92 21.25 -11.19
C PRO A 540 -6.81 21.01 -9.99
N ARG A 541 -8.13 20.89 -10.20
CA ARG A 541 -9.00 20.65 -9.06
C ARG A 541 -8.75 19.27 -8.45
N LEU A 542 -8.14 18.36 -9.21
CA LEU A 542 -7.76 17.07 -8.68
C LEU A 542 -6.49 17.22 -7.86
N MET A 543 -6.55 16.83 -6.58
CA MET A 543 -5.41 17.01 -5.68
C MET A 543 -4.43 15.86 -5.77
N GLY A 544 -4.87 14.70 -6.27
CA GLY A 544 -4.08 13.49 -6.23
C GLY A 544 -4.82 12.40 -5.49
N GLY A 545 -4.04 11.54 -4.81
CA GLY A 545 -4.64 10.38 -4.18
C GLY A 545 -3.66 9.61 -3.33
N PHE A 546 -4.22 8.74 -2.49
CA PHE A 546 -3.50 7.91 -1.53
C PHE A 546 -3.80 6.45 -1.83
N VAL A 547 -2.79 5.68 -2.25
CA VAL A 547 -3.00 4.26 -2.54
C VAL A 547 -3.49 3.53 -1.29
N TRP A 548 -4.42 2.61 -1.46
CA TRP A 548 -4.75 1.68 -0.40
C TRP A 548 -4.04 0.36 -0.67
N GLU A 549 -3.12 -0.04 0.21
CA GLU A 549 -2.64 0.76 1.33
C GLU A 549 -1.14 0.56 1.31
N TRP A 550 -0.43 1.09 2.32
CA TRP A 550 1.02 1.07 2.27
C TRP A 550 1.55 -0.33 2.49
N LEU A 551 1.03 -1.05 3.48
CA LEU A 551 1.58 -2.35 3.80
C LEU A 551 0.47 -3.40 3.95
N GLU A 552 0.88 -4.67 3.83
CA GLU A 552 0.05 -5.80 4.23
C GLU A 552 0.18 -6.02 5.74
N HIS A 553 -0.90 -6.49 6.35
CA HIS A 553 -0.89 -6.80 7.77
C HIS A 553 -0.62 -8.28 8.01
N GLY A 554 0.32 -8.85 7.26
CA GLY A 554 0.64 -10.25 7.46
C GLY A 554 1.23 -10.47 8.84
N ILE A 555 0.83 -11.57 9.46
CA ILE A 555 1.40 -11.96 10.74
C ILE A 555 2.19 -13.24 10.52
N THR A 556 3.49 -13.21 10.82
CA THR A 556 4.33 -14.37 10.60
C THR A 556 3.87 -15.55 11.43
N VAL A 557 3.94 -16.74 10.84
CA VAL A 557 3.54 -18.00 11.46
C VAL A 557 4.65 -18.99 11.19
N SER A 558 5.25 -19.51 12.26
CA SER A 558 6.31 -20.51 12.18
C SER A 558 5.69 -21.90 12.13
N THR A 559 5.99 -22.65 11.09
CA THR A 559 5.40 -23.98 10.94
C THR A 559 6.21 -25.01 11.70
N ALA A 560 5.69 -26.24 11.75
CA ALA A 560 6.39 -27.35 12.40
C ALA A 560 7.78 -27.56 11.79
N ASP A 561 7.85 -27.67 10.45
CA ASP A 561 9.12 -27.69 9.75
C ASP A 561 10.05 -26.57 10.23
N GLY A 562 9.50 -25.40 10.51
CA GLY A 562 10.28 -24.20 10.72
C GLY A 562 10.29 -23.26 9.55
N VAL A 563 9.40 -23.46 8.57
CA VAL A 563 9.29 -22.52 7.47
C VAL A 563 8.40 -21.36 7.92
N ASP A 564 8.75 -20.17 7.47
CA ASP A 564 7.99 -18.99 7.80
C ASP A 564 7.07 -18.63 6.64
N HIS A 565 5.96 -17.99 6.99
CA HIS A 565 4.96 -17.52 6.03
C HIS A 565 4.01 -16.62 6.80
N TYR A 566 3.31 -15.75 6.08
CA TYR A 566 2.35 -14.88 6.74
C TYR A 566 0.98 -15.55 6.84
N GLY A 567 0.33 -15.38 7.97
CA GLY A 567 -1.05 -15.74 8.12
C GLY A 567 -1.96 -14.53 8.01
N TYR A 568 -3.22 -14.80 7.69
CA TYR A 568 -4.22 -13.74 7.57
C TYR A 568 -5.52 -14.20 8.22
N GLY A 569 -6.58 -13.41 8.06
CA GLY A 569 -7.86 -13.64 8.68
C GLY A 569 -8.39 -15.04 8.53
N GLY A 570 -8.81 -15.62 9.65
CA GLY A 570 -9.22 -17.00 9.72
C GLY A 570 -8.14 -17.91 10.24
N ASP A 571 -6.89 -17.70 9.79
CA ASP A 571 -5.77 -18.58 10.16
C ASP A 571 -5.55 -18.68 11.67
N PHE A 572 -6.14 -17.78 12.45
CA PHE A 572 -5.90 -17.72 13.90
C PHE A 572 -7.10 -18.16 14.71
N GLY A 573 -8.09 -18.79 14.07
CA GLY A 573 -9.19 -19.41 14.77
C GLY A 573 -10.47 -18.60 14.85
N GLU A 574 -10.61 -17.55 14.03
CA GLU A 574 -11.76 -16.67 14.14
C GLU A 574 -13.05 -17.40 13.82
N GLU A 575 -14.15 -16.95 14.43
CA GLU A 575 -15.48 -17.41 14.07
C GLU A 575 -16.07 -16.58 12.94
N VAL A 576 -15.80 -15.27 12.93
CA VAL A 576 -16.04 -14.44 11.76
C VAL A 576 -14.75 -13.71 11.41
N HIS A 577 -14.45 -13.63 10.12
CA HIS A 577 -13.19 -13.08 9.64
C HIS A 577 -13.33 -12.73 8.17
N ASP A 578 -12.32 -12.06 7.64
CA ASP A 578 -12.35 -11.58 6.27
C ASP A 578 -11.09 -12.00 5.50
N GLY A 579 -10.53 -13.16 5.87
CA GLY A 579 -9.57 -13.82 5.00
C GLY A 579 -8.34 -12.99 4.76
N ASN A 580 -7.90 -12.94 3.50
CA ASN A 580 -6.65 -12.29 3.16
C ASN A 580 -6.84 -10.82 2.81
N PHE A 581 -8.02 -10.28 3.06
CA PHE A 581 -8.26 -8.86 2.79
C PHE A 581 -7.40 -7.94 3.65
N VAL A 582 -6.79 -8.45 4.73
CA VAL A 582 -5.89 -7.64 5.53
C VAL A 582 -4.51 -7.51 4.90
N THR A 583 -4.21 -8.30 3.88
CA THR A 583 -2.92 -8.27 3.17
C THR A 583 -3.15 -7.66 1.79
N ASP A 584 -3.15 -6.32 1.74
CA ASP A 584 -3.61 -5.60 0.54
C ASP A 584 -2.74 -4.39 0.25
N GLY A 585 -1.41 -4.51 0.36
CA GLY A 585 -0.54 -3.36 0.37
C GLY A 585 0.56 -3.39 -0.67
N LEU A 586 1.26 -2.25 -0.77
CA LEU A 586 2.38 -2.10 -1.70
C LEU A 586 3.64 -2.78 -1.17
N VAL A 587 3.73 -3.01 0.14
CA VAL A 587 4.85 -3.75 0.71
C VAL A 587 4.30 -4.80 1.67
N ASP A 588 5.08 -5.84 1.89
CA ASP A 588 4.63 -6.86 2.83
C ASP A 588 4.90 -6.41 4.26
N ALA A 589 4.48 -7.23 5.22
CA ALA A 589 4.60 -6.85 6.62
C ALA A 589 6.01 -6.47 6.99
N ASP A 590 7.01 -7.11 6.38
CA ASP A 590 8.39 -6.77 6.64
C ASP A 590 8.93 -5.71 5.68
N ARG A 591 8.04 -4.94 5.04
CA ARG A 591 8.37 -3.85 4.12
C ARG A 591 9.18 -4.29 2.90
N ARG A 592 9.09 -5.56 2.50
CA ARG A 592 9.64 -5.96 1.23
C ARG A 592 8.69 -5.50 0.11
N PRO A 593 9.18 -4.75 -0.88
CA PRO A 593 8.28 -4.21 -1.90
C PRO A 593 7.62 -5.29 -2.75
N ARG A 594 6.31 -5.10 -3.02
CA ARG A 594 5.57 -5.81 -4.04
C ARG A 594 5.73 -5.08 -5.37
N PRO A 595 5.50 -5.77 -6.51
CA PRO A 595 5.66 -5.11 -7.81
C PRO A 595 4.82 -3.85 -7.95
N GLY A 596 3.69 -3.77 -7.24
CA GLY A 596 2.88 -2.55 -7.25
C GLY A 596 3.64 -1.30 -6.82
N LEU A 597 4.50 -1.43 -5.80
CA LEU A 597 5.30 -0.28 -5.40
C LEU A 597 6.22 0.15 -6.51
N LEU A 598 6.90 -0.82 -7.13
CA LEU A 598 7.78 -0.52 -8.25
C LEU A 598 7.03 0.19 -9.37
N ASP A 599 5.84 -0.30 -9.73
CA ASP A 599 5.04 0.38 -10.73
C ASP A 599 4.65 1.78 -10.27
N PHE A 600 4.06 1.89 -9.08
CA PHE A 600 3.61 3.17 -8.55
C PHE A 600 4.73 4.21 -8.52
N LYS A 601 5.95 3.80 -8.18
CA LYS A 601 7.04 4.75 -8.11
C LYS A 601 7.26 5.41 -9.46
N LYS A 602 7.22 4.63 -10.53
CA LYS A 602 7.39 5.19 -11.88
C LYS A 602 6.18 6.03 -12.28
N VAL A 603 4.99 5.62 -11.88
CA VAL A 603 3.79 6.37 -12.24
C VAL A 603 3.84 7.76 -11.63
N ILE A 604 4.13 7.86 -10.33
CA ILE A 604 4.09 9.15 -9.65
C ILE A 604 5.42 9.87 -9.79
N GLU A 605 6.28 9.42 -10.72
CA GLU A 605 7.61 9.97 -10.78
C GLU A 605 7.53 11.48 -11.02
N PRO A 606 8.38 12.27 -10.37
CA PRO A 606 8.20 13.74 -10.38
C PRO A 606 8.80 14.47 -11.57
N LEU A 607 9.56 13.81 -12.43
CA LEU A 607 9.93 14.36 -13.73
C LEU A 607 9.60 13.35 -14.81
N ARG A 608 9.31 13.81 -16.01
CA ARG A 608 9.08 12.91 -17.12
C ARG A 608 10.14 13.15 -18.17
N ILE A 609 10.73 12.06 -18.63
CA ILE A 609 11.84 12.07 -19.57
C ILE A 609 11.34 11.38 -20.84
N ASP A 610 10.98 12.17 -21.85
CA ASP A 610 10.58 11.65 -23.16
C ASP A 610 11.79 11.69 -24.09
N VAL A 611 12.39 10.50 -24.30
CA VAL A 611 13.59 10.35 -25.12
C VAL A 611 13.20 10.29 -26.60
N ALA A 612 13.85 11.13 -27.40
CA ALA A 612 13.49 11.28 -28.80
C ALA A 612 13.85 10.03 -29.62
N ARG A 613 13.04 9.79 -30.66
CA ARG A 613 13.21 8.57 -31.46
C ARG A 613 14.59 8.50 -32.08
N ASP A 614 15.10 9.64 -32.58
CA ASP A 614 16.40 9.66 -33.26
C ASP A 614 17.58 9.72 -32.30
N TRP A 615 17.32 9.76 -30.99
CA TRP A 615 18.36 9.70 -29.96
C TRP A 615 19.19 10.99 -29.91
N THR A 616 18.65 12.11 -30.35
CA THR A 616 19.43 13.34 -30.34
C THR A 616 19.32 14.12 -29.04
N GLY A 617 18.22 13.95 -28.32
CA GLY A 617 18.02 14.64 -27.06
C GLY A 617 16.87 13.98 -26.34
N PHE A 618 16.22 14.74 -25.46
CA PHE A 618 15.01 14.28 -24.78
C PHE A 618 14.36 15.47 -24.10
N THR A 619 13.03 15.42 -24.03
CA THR A 619 12.27 16.45 -23.34
C THR A 619 12.25 16.13 -21.85
N LEU A 620 12.43 17.16 -21.03
CA LEU A 620 12.37 17.08 -19.58
C LEU A 620 11.29 18.02 -19.06
N ARG A 621 10.27 17.47 -18.41
CA ARG A 621 9.29 18.28 -17.68
C ARG A 621 9.53 18.13 -16.18
N ASN A 622 9.66 19.24 -15.48
CA ASN A 622 9.72 19.24 -14.02
C ASN A 622 8.30 19.25 -13.50
N GLY A 623 7.90 18.16 -12.83
CA GLY A 623 6.56 18.02 -12.29
C GLY A 623 6.40 18.39 -10.82
N GLN A 624 7.52 18.62 -10.13
CA GLN A 624 7.48 19.12 -8.78
C GLN A 624 6.75 20.46 -8.69
N ASP A 625 6.30 20.79 -7.48
CA ASP A 625 5.60 22.04 -7.26
C ASP A 625 6.51 23.19 -6.82
N PHE A 626 7.69 22.89 -6.26
CA PHE A 626 8.54 23.94 -5.69
C PHE A 626 9.99 23.82 -6.16
N ALA A 627 10.59 22.64 -6.04
CA ALA A 627 12.00 22.49 -6.39
C ALA A 627 12.22 22.60 -7.90
N ASP A 628 13.44 22.96 -8.28
CA ASP A 628 13.85 22.87 -9.68
C ASP A 628 14.61 21.55 -9.85
N THR A 629 15.37 21.43 -10.93
CA THR A 629 16.04 20.17 -11.20
C THR A 629 17.46 20.09 -10.65
N SER A 630 17.93 21.15 -10.02
CA SER A 630 19.32 21.26 -9.59
C SER A 630 19.79 20.13 -8.68
N ALA A 631 18.87 19.31 -8.16
CA ALA A 631 19.24 18.23 -7.26
C ALA A 631 19.68 16.96 -8.00
N PHE A 632 19.55 16.95 -9.32
CA PHE A 632 19.57 15.73 -10.11
C PHE A 632 20.74 15.75 -11.09
N SER A 633 21.45 14.62 -11.14
CA SER A 633 22.36 14.32 -12.23
C SER A 633 21.60 13.59 -13.33
N PHE A 634 21.79 14.03 -14.56
CA PHE A 634 21.14 13.44 -15.72
C PHE A 634 22.15 12.56 -16.47
N ARG A 635 22.08 11.28 -16.21
CA ARG A 635 22.92 10.27 -16.84
C ARG A 635 22.18 9.57 -17.96
N TYR A 636 22.94 9.07 -18.93
CA TYR A 636 22.41 8.28 -20.04
C TYR A 636 23.31 7.06 -20.28
N GLU A 637 22.71 6.01 -20.84
CA GLU A 637 23.47 4.84 -21.25
C GLU A 637 22.80 4.21 -22.46
N VAL A 638 23.62 3.68 -23.37
CA VAL A 638 23.17 2.87 -24.50
C VAL A 638 23.57 1.45 -24.19
N GLU A 639 22.61 0.54 -24.10
CA GLU A 639 22.89 -0.87 -23.86
C GLU A 639 22.57 -1.66 -25.12
N ALA A 640 23.54 -2.42 -25.60
CA ALA A 640 23.36 -3.40 -26.66
C ALA A 640 23.48 -4.80 -26.07
N ASP A 641 23.27 -5.80 -26.93
CA ASP A 641 23.31 -7.21 -26.54
C ASP A 641 24.39 -7.48 -25.49
N GLY A 642 25.65 -7.25 -25.84
CA GLY A 642 26.73 -7.53 -24.91
C GLY A 642 27.37 -6.29 -24.32
N GLY A 643 26.87 -5.85 -23.17
CA GLY A 643 27.44 -4.72 -22.45
C GLY A 643 26.89 -3.39 -22.91
N ALA A 644 27.55 -2.33 -22.44
CA ALA A 644 27.19 -0.96 -22.76
C ALA A 644 28.12 -0.40 -23.83
N LEU A 645 27.55 0.35 -24.78
CA LEU A 645 28.29 0.96 -25.88
C LEU A 645 28.74 2.39 -25.58
N ASP A 646 27.86 3.21 -25.01
CA ASP A 646 28.16 4.61 -24.77
C ASP A 646 27.42 5.03 -23.51
N GLY A 647 27.94 6.03 -22.81
CA GLY A 647 27.30 6.48 -21.59
C GLY A 647 27.93 7.74 -21.03
N GLY A 648 27.19 8.38 -20.13
CA GLY A 648 27.77 9.49 -19.43
C GLY A 648 26.80 10.41 -18.72
N THR A 649 27.04 11.71 -18.86
CA THR A 649 26.28 12.73 -18.16
C THR A 649 26.01 13.89 -19.09
N VAL A 650 24.89 14.56 -18.89
CA VAL A 650 24.59 15.79 -19.62
C VAL A 650 24.15 16.84 -18.61
N ASP A 651 24.55 18.08 -18.86
CA ASP A 651 24.29 19.18 -17.94
C ASP A 651 23.02 19.89 -18.37
N VAL A 652 22.06 19.94 -17.46
CA VAL A 652 20.79 20.60 -17.72
C VAL A 652 20.76 21.88 -16.91
N ALA A 653 20.67 23.01 -17.60
CA ALA A 653 20.32 24.24 -16.91
C ALA A 653 19.01 24.01 -16.16
N PRO A 654 18.97 24.28 -14.86
CA PRO A 654 17.79 23.93 -14.05
C PRO A 654 16.50 24.48 -14.63
N VAL A 655 15.48 23.64 -14.64
CA VAL A 655 14.15 24.02 -15.11
C VAL A 655 13.26 24.22 -13.91
N ALA A 656 12.47 25.29 -13.96
CA ALA A 656 11.55 25.61 -12.89
C ALA A 656 10.48 24.53 -12.72
N PRO A 657 9.81 24.49 -11.57
CA PRO A 657 8.62 23.66 -11.45
C PRO A 657 7.62 24.01 -12.53
N GLN A 658 7.08 22.97 -13.16
CA GLN A 658 6.04 23.07 -14.19
C GLN A 658 6.57 23.74 -15.45
N SER A 659 7.87 23.64 -15.69
CA SER A 659 8.48 24.11 -16.91
C SER A 659 9.09 22.94 -17.68
N GLU A 660 9.38 23.19 -18.95
CA GLU A 660 9.89 22.17 -19.86
C GLU A 660 11.05 22.73 -20.66
N THR A 661 12.04 21.89 -20.88
CA THR A 661 13.10 22.19 -21.82
C THR A 661 13.36 20.98 -22.71
N VAL A 662 14.05 21.20 -23.84
CA VAL A 662 14.60 20.10 -24.63
C VAL A 662 16.10 20.12 -24.43
N VAL A 663 16.64 19.02 -23.88
CA VAL A 663 18.07 18.93 -23.59
C VAL A 663 18.73 17.99 -24.59
N GLU A 664 19.78 18.47 -25.25
CA GLU A 664 20.51 17.71 -26.25
C GLU A 664 21.33 16.59 -25.60
N LEU A 665 21.40 15.47 -26.27
CA LEU A 665 22.35 14.45 -25.88
C LEU A 665 23.60 14.55 -26.74
N PRO A 666 24.74 14.11 -26.20
CA PRO A 666 25.97 14.06 -26.99
C PRO A 666 25.77 13.41 -28.34
N GLY A 667 26.42 14.00 -29.36
CA GLY A 667 26.23 13.54 -30.73
C GLY A 667 26.60 12.09 -30.95
N SER A 668 27.54 11.58 -30.15
CA SER A 668 27.93 10.17 -30.25
C SER A 668 26.73 9.24 -30.10
N VAL A 669 25.79 9.58 -29.20
CA VAL A 669 24.63 8.72 -28.97
C VAL A 669 23.76 8.62 -30.22
N ALA A 670 23.48 9.76 -30.86
CA ALA A 670 22.65 9.73 -32.07
C ALA A 670 23.35 9.03 -33.22
N ALA A 671 24.66 9.28 -33.39
CA ALA A 671 25.41 8.62 -34.44
C ALA A 671 25.43 7.12 -34.25
N LEU A 672 25.45 6.67 -33.00
CA LEU A 672 25.46 5.24 -32.73
C LEU A 672 24.15 4.59 -33.17
N ALA A 673 23.02 5.22 -32.86
CA ALA A 673 21.73 4.69 -33.29
C ALA A 673 21.66 4.59 -34.81
N ALA A 674 22.13 5.62 -35.51
CA ALA A 674 22.02 5.67 -36.95
C ALA A 674 22.81 4.56 -37.63
N GLY A 675 23.97 4.19 -37.06
CA GLY A 675 24.88 3.20 -37.58
C GLY A 675 24.60 1.78 -37.14
N LEU A 676 23.52 1.55 -36.42
CA LEU A 676 23.12 0.20 -36.06
C LEU A 676 22.63 -0.54 -37.30
N SER A 677 23.20 -1.72 -37.54
CA SER A 677 22.61 -2.63 -38.51
C SER A 677 21.15 -2.91 -38.13
N ASP A 678 20.24 -2.65 -39.07
CA ASP A 678 18.81 -2.80 -38.80
C ASP A 678 18.52 -4.17 -38.23
N GLY A 679 17.63 -4.21 -37.23
CA GLY A 679 17.30 -5.44 -36.56
C GLY A 679 18.25 -5.86 -35.45
N ARG A 680 19.21 -5.00 -35.09
CA ARG A 680 20.03 -5.22 -33.91
C ARG A 680 19.46 -4.41 -32.75
N PRO A 681 19.07 -5.04 -31.64
CA PRO A 681 18.44 -4.29 -30.55
C PRO A 681 19.47 -3.48 -29.77
N ALA A 682 19.02 -2.32 -29.30
CA ALA A 682 19.79 -1.45 -28.43
C ALA A 682 18.81 -0.51 -27.73
N VAL A 683 19.10 -0.16 -26.48
CA VAL A 683 18.21 0.68 -25.67
C VAL A 683 18.96 1.88 -25.10
N LEU A 684 18.41 3.06 -25.33
CA LEU A 684 18.90 4.31 -24.78
C LEU A 684 18.11 4.64 -23.51
N THR A 685 18.77 4.67 -22.36
CA THR A 685 18.09 5.00 -21.10
C THR A 685 18.67 6.29 -20.54
N VAL A 686 17.85 7.33 -20.44
CA VAL A 686 18.23 8.54 -19.72
C VAL A 686 17.65 8.48 -18.32
N ARG A 687 18.52 8.46 -17.34
CA ARG A 687 18.17 8.46 -15.94
C ARG A 687 18.33 9.86 -15.33
N ALA A 688 17.55 10.15 -14.30
CA ALA A 688 17.73 11.31 -13.44
C ALA A 688 17.95 10.79 -12.03
N VAL A 689 19.16 10.92 -11.51
CA VAL A 689 19.52 10.35 -10.21
C VAL A 689 19.92 11.48 -9.28
N LEU A 690 20.09 11.12 -8.01
CA LEU A 690 20.44 12.08 -6.95
C LEU A 690 21.90 12.52 -7.09
N GLY A 691 22.10 13.81 -7.33
CA GLY A 691 23.47 14.31 -7.39
C GLY A 691 24.22 14.09 -6.10
N ALA A 692 23.55 14.29 -4.97
CA ALA A 692 24.20 14.16 -3.67
C ALA A 692 23.25 13.47 -2.71
N ASP A 693 23.82 12.95 -1.63
CA ASP A 693 23.03 12.30 -0.59
C ASP A 693 21.92 13.21 -0.10
N SER A 694 20.81 12.61 0.30
CA SER A 694 19.69 13.30 0.92
C SER A 694 19.38 12.61 2.24
N ALA A 695 18.50 13.23 3.02
CA ALA A 695 18.09 12.56 4.26
C ALA A 695 17.51 11.17 4.04
N TRP A 696 17.13 10.81 2.80
CA TRP A 696 16.42 9.56 2.55
C TRP A 696 17.05 8.66 1.49
N ALA A 697 18.20 9.02 0.91
CA ALA A 697 18.80 8.17 -0.11
C ALA A 697 20.22 8.64 -0.42
N ASP A 698 21.08 7.69 -0.78
CA ASP A 698 22.45 8.04 -1.16
C ASP A 698 22.46 8.62 -2.57
N ALA A 699 23.55 9.34 -2.87
CA ALA A 699 23.74 9.88 -4.21
C ALA A 699 23.59 8.79 -5.24
N GLY A 700 23.06 9.15 -6.40
CA GLY A 700 22.87 8.22 -7.50
C GLY A 700 21.55 7.49 -7.49
N HIS A 701 20.74 7.67 -6.45
CA HIS A 701 19.44 7.02 -6.39
C HIS A 701 18.55 7.48 -7.54
N GLU A 702 17.84 6.54 -8.14
CA GLU A 702 17.07 6.85 -9.33
C GLU A 702 15.71 7.41 -8.97
N VAL A 703 15.39 8.56 -9.54
CA VAL A 703 14.14 9.26 -9.31
C VAL A 703 13.21 9.14 -10.52
N ALA A 704 13.73 9.38 -11.72
CA ALA A 704 12.91 9.34 -12.92
C ALA A 704 13.76 8.84 -14.07
N TRP A 705 13.12 8.25 -15.07
CA TRP A 705 13.87 7.73 -16.20
C TRP A 705 13.00 7.74 -17.45
N GLY A 706 13.63 7.41 -18.58
CA GLY A 706 12.97 7.35 -19.88
C GLY A 706 13.85 6.63 -20.88
N GLN A 707 13.21 6.11 -21.94
CA GLN A 707 13.92 5.24 -22.87
C GLN A 707 13.45 5.44 -24.30
N SER A 708 14.34 5.12 -25.25
CA SER A 708 13.98 4.85 -26.63
C SER A 708 14.66 3.58 -27.08
N VAL A 709 13.93 2.74 -27.79
CA VAL A 709 14.35 1.39 -28.16
C VAL A 709 14.40 1.25 -29.67
N ARG A 710 15.54 0.81 -30.18
CA ARG A 710 15.59 0.21 -31.51
C ARG A 710 15.31 -1.28 -31.30
N GLU A 711 14.19 -1.74 -31.85
CA GLU A 711 13.75 -3.10 -31.62
C GLU A 711 14.59 -4.09 -32.41
N PRO A 712 14.53 -5.38 -32.07
CA PRO A 712 14.97 -6.40 -33.03
C PRO A 712 13.95 -6.55 -34.15
N GLY A 713 14.45 -6.92 -35.32
CA GLY A 713 13.54 -7.33 -36.38
C GLY A 713 12.87 -8.64 -36.03
N ALA A 714 11.81 -8.97 -36.76
CA ALA A 714 11.13 -10.24 -36.51
C ALA A 714 12.11 -11.39 -36.73
N PRO A 715 11.90 -12.53 -36.07
CA PRO A 715 12.82 -13.66 -36.29
C PRO A 715 12.54 -14.37 -37.61
N VAL A 716 13.62 -14.75 -38.27
CA VAL A 716 13.56 -15.48 -39.54
C VAL A 716 12.99 -16.88 -39.33
N PRO A 717 11.87 -17.22 -39.94
CA PRO A 717 11.39 -18.60 -39.87
C PRO A 717 12.42 -19.53 -40.48
N PRO A 718 12.64 -20.69 -39.88
CA PRO A 718 13.59 -21.65 -40.47
C PRO A 718 13.13 -22.16 -41.82
N ALA A 719 14.10 -22.44 -42.68
CA ALA A 719 13.78 -23.08 -43.95
C ALA A 719 13.34 -24.51 -43.69
N PRO A 720 12.18 -24.94 -44.19
CA PRO A 720 11.73 -26.33 -43.98
C PRO A 720 12.43 -27.32 -44.91
N VAL A 721 13.73 -27.51 -44.66
CA VAL A 721 14.54 -28.40 -45.49
C VAL A 721 14.55 -29.83 -44.98
N GLU A 722 14.26 -30.04 -43.71
CA GLU A 722 14.28 -31.34 -43.06
C GLU A 722 12.90 -31.97 -43.15
N PRO A 723 12.84 -33.27 -43.45
CA PRO A 723 11.54 -33.92 -43.66
C PRO A 723 11.03 -34.62 -42.41
N VAL A 724 9.86 -35.23 -42.50
CA VAL A 724 9.19 -35.85 -41.36
C VAL A 724 9.39 -37.36 -41.41
N GLN A 725 10.12 -37.89 -40.44
CA GLN A 725 10.39 -39.31 -40.33
C GLN A 725 9.27 -40.01 -39.57
N VAL A 726 8.76 -41.10 -40.14
CA VAL A 726 7.56 -41.76 -39.67
C VAL A 726 7.96 -43.11 -39.08
N GLN A 727 8.00 -43.21 -37.76
CA GLN A 727 7.99 -44.50 -37.07
C GLN A 727 6.52 -44.89 -36.83
N ASP A 728 6.31 -46.14 -36.39
CA ASP A 728 4.94 -46.56 -36.13
C ASP A 728 4.33 -45.82 -34.94
N SER A 729 5.15 -45.52 -33.92
CA SER A 729 4.66 -44.94 -32.67
C SER A 729 4.92 -43.45 -32.54
N GLU A 730 5.92 -42.92 -33.24
CA GLU A 730 6.34 -41.53 -33.12
C GLU A 730 6.56 -40.95 -34.51
N LEU A 731 6.59 -39.64 -34.57
CA LEU A 731 7.11 -38.90 -35.72
C LEU A 731 8.37 -38.16 -35.29
N THR A 732 9.23 -37.84 -36.26
CA THR A 732 10.39 -37.00 -35.98
C THR A 732 10.57 -35.98 -37.09
N LEU A 733 10.72 -34.71 -36.70
CA LEU A 733 10.94 -33.60 -37.65
C LEU A 733 12.10 -32.76 -37.11
N GLY A 734 13.31 -33.05 -37.58
CA GLY A 734 14.48 -32.41 -37.04
C GLY A 734 14.65 -32.76 -35.58
N PRO A 735 14.86 -31.75 -34.74
CA PRO A 735 15.13 -32.02 -33.32
C PRO A 735 13.90 -32.32 -32.48
N VAL A 736 12.70 -32.30 -33.05
CA VAL A 736 11.47 -32.44 -32.26
C VAL A 736 10.88 -33.83 -32.49
N VAL A 737 10.41 -34.44 -31.42
CA VAL A 737 9.84 -35.78 -31.41
C VAL A 737 8.35 -35.69 -31.08
N PHE A 738 7.51 -36.13 -31.99
CA PHE A 738 6.07 -36.10 -31.78
C PHE A 738 5.54 -37.46 -31.37
N SER A 739 4.37 -37.46 -30.76
CA SER A 739 3.64 -38.68 -30.47
C SER A 739 2.51 -38.78 -31.49
N ARG A 740 2.47 -39.89 -32.23
CA ARG A 740 1.44 -40.06 -33.24
C ARG A 740 0.05 -40.21 -32.64
N ALA A 741 -0.04 -40.55 -31.37
CA ALA A 741 -1.35 -40.66 -30.73
C ALA A 741 -1.92 -39.28 -30.37
N THR A 742 -1.10 -38.37 -29.87
CA THR A 742 -1.58 -37.07 -29.43
C THR A 742 -1.38 -35.97 -30.47
N GLY A 743 -0.29 -36.03 -31.22
CA GLY A 743 0.11 -34.95 -32.10
C GLY A 743 1.05 -33.94 -31.46
N MET A 744 1.32 -34.05 -30.19
CA MET A 744 2.11 -33.04 -29.51
C MET A 744 3.57 -33.47 -29.40
N PRO A 745 4.49 -32.51 -29.31
CA PRO A 745 5.90 -32.88 -29.16
C PRO A 745 6.17 -33.60 -27.84
N THR A 746 7.05 -34.58 -27.92
CA THR A 746 7.51 -35.36 -26.77
C THR A 746 8.92 -34.98 -26.33
N SER A 747 9.74 -34.46 -27.25
CA SER A 747 11.03 -33.91 -26.89
C SER A 747 11.43 -32.94 -27.99
N ILE A 748 12.25 -31.95 -27.59
CA ILE A 748 12.92 -31.05 -28.53
C ILE A 748 14.38 -30.99 -28.11
N GLY A 749 15.27 -31.58 -28.91
CA GLY A 749 16.68 -31.54 -28.58
C GLY A 749 17.00 -32.18 -27.25
N GLY A 750 16.37 -33.32 -26.95
CA GLY A 750 16.61 -34.07 -25.74
C GLY A 750 15.78 -33.63 -24.56
N VAL A 751 15.18 -32.45 -24.65
CA VAL A 751 14.38 -31.87 -23.57
C VAL A 751 13.01 -32.52 -23.53
N PRO A 752 12.71 -33.31 -22.49
CA PRO A 752 11.40 -33.97 -22.42
C PRO A 752 10.26 -32.96 -22.36
N VAL A 753 9.30 -33.13 -23.28
CA VAL A 753 8.10 -32.32 -23.36
C VAL A 753 6.93 -33.20 -22.94
N GLU A 754 6.43 -33.02 -21.72
CA GLU A 754 5.37 -33.86 -21.19
C GLU A 754 3.99 -33.45 -21.68
N LYS A 755 3.76 -32.15 -21.88
CA LYS A 755 2.47 -31.65 -22.37
C LYS A 755 2.69 -30.35 -23.13
N LEU A 756 1.82 -30.11 -24.13
CA LEU A 756 1.82 -28.86 -24.87
C LEU A 756 0.39 -28.54 -25.30
N GLY A 757 -0.11 -27.37 -24.92
CA GLY A 757 -1.49 -27.09 -25.21
C GLY A 757 -1.77 -25.61 -25.20
N LEU A 758 -3.03 -25.28 -25.47
CA LEU A 758 -3.49 -23.92 -25.40
C LEU A 758 -3.88 -23.57 -23.97
N THR A 759 -3.64 -22.32 -23.59
CA THR A 759 -4.10 -21.78 -22.32
C THR A 759 -5.03 -20.60 -22.58
N LEU A 760 -6.12 -20.54 -21.82
CA LEU A 760 -7.02 -19.39 -21.83
C LEU A 760 -7.30 -18.85 -20.44
N TRP A 761 -6.73 -19.46 -19.41
CA TRP A 761 -7.10 -19.24 -18.03
C TRP A 761 -5.84 -18.98 -17.22
N TRP A 762 -6.01 -18.40 -16.04
CA TRP A 762 -4.90 -18.32 -15.09
C TRP A 762 -5.46 -18.46 -13.68
N ALA A 763 -4.60 -18.82 -12.75
CA ALA A 763 -5.04 -18.92 -11.36
C ALA A 763 -5.49 -17.55 -10.87
N PRO A 764 -6.77 -17.37 -10.52
CA PRO A 764 -7.32 -16.02 -10.28
C PRO A 764 -6.54 -15.21 -9.26
N THR A 765 -6.36 -13.93 -9.56
CA THR A 765 -5.80 -12.94 -8.63
C THR A 765 -6.84 -12.55 -7.61
N ASP A 766 -6.45 -11.73 -6.64
CA ASP A 766 -7.43 -11.24 -5.67
C ASP A 766 -8.50 -10.39 -6.34
N ASN A 767 -8.11 -9.54 -7.31
CA ASN A 767 -9.10 -8.75 -8.03
C ASN A 767 -10.06 -9.62 -8.82
N ASP A 768 -9.56 -10.73 -9.37
CA ASP A 768 -10.43 -11.68 -10.08
C ASP A 768 -11.44 -12.33 -9.15
N LEU A 769 -11.11 -12.45 -7.87
CA LEU A 769 -12.03 -12.95 -6.86
C LEU A 769 -13.06 -11.92 -6.42
N GLY A 770 -12.90 -10.66 -6.82
CA GLY A 770 -13.85 -9.64 -6.46
C GLY A 770 -14.99 -9.49 -7.44
N ARG A 771 -16.12 -9.03 -6.91
CA ARG A 771 -17.27 -8.70 -7.73
C ARG A 771 -17.10 -7.31 -8.34
N GLU A 772 -17.13 -7.25 -9.65
CA GLU A 772 -17.07 -6.02 -10.41
C GLU A 772 -18.48 -5.46 -10.50
N TRP A 773 -18.74 -4.37 -9.79
CA TRP A 773 -20.09 -3.81 -9.79
C TRP A 773 -20.40 -3.13 -11.12
N GLY A 774 -21.69 -3.06 -11.43
CA GLY A 774 -22.12 -2.85 -12.79
C GLY A 774 -22.19 -4.15 -13.56
N GLY A 775 -22.98 -4.15 -14.63
CA GLY A 775 -23.22 -5.38 -15.36
C GLY A 775 -24.10 -6.32 -14.56
N ALA A 776 -25.11 -6.92 -15.22
CA ALA A 776 -25.97 -7.87 -14.52
C ALA A 776 -25.21 -9.10 -14.06
N ASP A 777 -23.98 -9.27 -14.52
CA ASP A 777 -23.12 -10.35 -14.02
C ASP A 777 -22.52 -9.86 -12.70
N GLU A 778 -23.08 -10.37 -11.62
CA GLU A 778 -22.58 -10.17 -10.27
C GLU A 778 -21.56 -11.22 -9.88
N ARG A 779 -21.23 -12.16 -10.75
CA ARG A 779 -20.21 -13.07 -10.25
C ARG A 779 -18.83 -12.50 -10.48
N PRO A 780 -17.89 -12.79 -9.58
CA PRO A 780 -16.50 -12.45 -9.85
C PRO A 780 -16.01 -13.15 -11.11
N LEU A 781 -15.07 -12.51 -11.79
CA LEU A 781 -14.45 -13.11 -12.96
C LEU A 781 -13.96 -14.52 -12.67
N ALA A 782 -13.41 -14.76 -11.48
CA ALA A 782 -12.95 -16.11 -11.17
C ALA A 782 -14.10 -17.09 -11.23
N THR A 783 -15.26 -16.71 -10.68
CA THR A 783 -16.42 -17.57 -10.77
C THR A 783 -16.92 -17.73 -12.21
N GLN A 784 -17.01 -16.63 -12.96
CA GLN A 784 -17.33 -16.69 -14.39
C GLN A 784 -16.56 -17.80 -15.09
N TRP A 785 -15.26 -17.85 -14.81
CA TRP A 785 -14.37 -18.82 -15.43
C TRP A 785 -14.71 -20.26 -15.01
N LYS A 786 -14.87 -20.51 -13.70
CA LYS A 786 -15.23 -21.85 -13.24
C LYS A 786 -16.53 -22.30 -13.90
N ASP A 787 -17.54 -21.44 -13.85
CA ASP A 787 -18.80 -21.75 -14.52
C ASP A 787 -18.58 -22.07 -15.99
N ALA A 788 -17.66 -21.37 -16.63
CA ALA A 788 -17.42 -21.57 -18.05
C ALA A 788 -16.51 -22.76 -18.35
N GLY A 789 -15.77 -23.25 -17.37
CA GLY A 789 -14.89 -24.37 -17.57
C GLY A 789 -13.48 -24.04 -18.02
N LEU A 790 -13.10 -22.76 -18.06
CA LEU A 790 -11.77 -22.38 -18.55
C LEU A 790 -10.63 -23.04 -17.78
N ASN A 791 -10.86 -23.42 -16.52
CA ASN A 791 -9.79 -24.03 -15.74
C ASN A 791 -9.61 -25.51 -16.04
N ARG A 792 -10.56 -26.12 -16.76
CA ARG A 792 -10.56 -27.54 -17.04
C ARG A 792 -10.79 -27.76 -18.53
N LEU A 793 -9.89 -27.20 -19.34
CA LEU A 793 -10.01 -27.37 -20.77
C LEU A 793 -9.54 -28.76 -21.18
N HIS A 794 -9.99 -29.18 -22.36
CA HIS A 794 -9.64 -30.47 -22.93
C HIS A 794 -9.42 -30.32 -24.42
N THR A 795 -8.53 -31.15 -24.94
CA THR A 795 -8.09 -31.05 -26.32
C THR A 795 -8.40 -32.35 -27.02
N ARG A 796 -9.18 -32.27 -28.09
CA ARG A 796 -9.39 -33.39 -28.98
C ARG A 796 -8.51 -33.23 -30.23
N LEU A 797 -7.93 -34.33 -30.68
CA LEU A 797 -7.10 -34.32 -31.89
C LEU A 797 -7.98 -34.60 -33.10
N LEU A 798 -7.77 -33.84 -34.16
CA LEU A 798 -8.61 -33.89 -35.36
C LEU A 798 -7.90 -34.47 -36.56
N GLY A 799 -6.61 -34.18 -36.72
CA GLY A 799 -5.84 -34.65 -37.85
C GLY A 799 -4.38 -34.36 -37.64
N ILE A 800 -3.54 -35.08 -38.41
CA ILE A 800 -2.09 -34.83 -38.48
C ILE A 800 -1.65 -35.05 -39.92
N SER A 801 -0.89 -34.11 -40.47
CA SER A 801 -0.41 -34.20 -41.85
C SER A 801 1.02 -33.70 -41.94
N ALA A 802 1.78 -34.31 -42.86
CA ALA A 802 2.92 -33.65 -43.43
C ALA A 802 2.48 -32.94 -44.71
N ASN A 803 3.32 -32.02 -45.20
CA ASN A 803 2.92 -31.21 -46.34
C ASN A 803 4.16 -30.72 -47.06
N PRO A 804 4.08 -30.44 -48.36
CA PRO A 804 5.28 -30.05 -49.13
C PRO A 804 6.00 -28.84 -48.53
N GLY A 805 7.26 -29.06 -48.13
CA GLY A 805 8.07 -28.02 -47.55
C GLY A 805 9.03 -27.36 -48.53
N GLN A 806 10.32 -27.62 -48.39
CA GLN A 806 11.33 -26.97 -49.24
C GLN A 806 12.49 -27.93 -49.45
N ASP A 807 12.81 -28.22 -50.71
CA ASP A 807 13.89 -29.13 -51.10
C ASP A 807 13.84 -30.42 -50.28
N GLY A 808 12.74 -31.16 -50.46
CA GLY A 808 12.55 -32.42 -49.79
C GLY A 808 11.91 -32.33 -48.42
N GLY A 809 12.16 -31.25 -47.69
CA GLY A 809 11.62 -31.10 -46.35
C GLY A 809 10.12 -30.91 -46.34
N GLU A 810 9.55 -30.92 -45.15
CA GLU A 810 8.11 -30.82 -45.01
C GLU A 810 7.72 -30.12 -43.71
N THR A 811 6.60 -29.38 -43.75
CA THR A 811 5.93 -28.89 -42.56
C THR A 811 5.13 -30.03 -41.92
N LEU A 812 4.80 -29.86 -40.64
CA LEU A 812 3.87 -30.75 -39.96
C LEU A 812 2.73 -29.90 -39.41
N THR A 813 1.49 -30.29 -39.69
CA THR A 813 0.33 -29.58 -39.16
C THR A 813 -0.48 -30.50 -38.27
N VAL A 814 -0.65 -30.09 -37.01
CA VAL A 814 -1.41 -30.84 -36.02
C VAL A 814 -2.68 -30.04 -35.75
N ARG A 815 -3.83 -30.60 -36.08
CA ARG A 815 -5.11 -29.95 -35.87
C ARG A 815 -5.74 -30.46 -34.59
N THR A 816 -6.16 -29.54 -33.72
CA THR A 816 -6.82 -29.84 -32.46
C THR A 816 -8.06 -28.96 -32.32
N ARG A 817 -8.92 -29.34 -31.37
CA ARG A 817 -9.98 -28.46 -30.89
C ARG A 817 -9.98 -28.49 -29.38
N VAL A 818 -10.00 -27.29 -28.79
CA VAL A 818 -9.94 -27.11 -27.35
C VAL A 818 -11.30 -26.64 -26.87
N SER A 819 -11.75 -27.22 -25.75
CA SER A 819 -13.05 -26.94 -25.19
C SER A 819 -13.15 -27.54 -23.80
N ALA A 820 -14.36 -27.72 -23.29
CA ALA A 820 -14.52 -28.13 -21.91
C ALA A 820 -15.77 -28.97 -21.78
N ALA A 821 -15.77 -29.85 -20.79
CA ALA A 821 -16.88 -30.77 -20.61
C ALA A 821 -18.17 -30.00 -20.37
N ASP A 822 -19.26 -30.51 -20.94
CA ASP A 822 -20.61 -29.93 -20.97
C ASP A 822 -20.66 -28.54 -21.65
N LYS A 823 -19.69 -28.20 -22.49
CA LYS A 823 -19.71 -26.91 -23.17
C LYS A 823 -19.72 -27.11 -24.68
N GLN A 824 -20.45 -26.24 -25.38
CA GLN A 824 -20.54 -26.31 -26.85
C GLN A 824 -19.52 -25.42 -27.55
N TYR A 825 -19.11 -24.31 -26.93
CA TYR A 825 -18.12 -23.44 -27.55
C TYR A 825 -16.75 -24.08 -27.52
N GLY A 826 -15.88 -23.65 -28.44
CA GLY A 826 -14.56 -24.24 -28.61
C GLY A 826 -13.62 -23.29 -29.32
N VAL A 827 -12.37 -23.74 -29.42
CA VAL A 827 -11.40 -23.09 -30.30
C VAL A 827 -10.65 -24.16 -31.07
N LEU A 828 -10.46 -23.94 -32.36
CA LEU A 828 -9.59 -24.79 -33.13
C LEU A 828 -8.18 -24.24 -33.11
N VAL A 829 -7.22 -25.10 -32.81
CA VAL A 829 -5.81 -24.73 -32.76
C VAL A 829 -5.05 -25.62 -33.75
N ASP A 830 -4.34 -24.98 -34.68
CA ASP A 830 -3.57 -25.65 -35.73
C ASP A 830 -2.08 -25.36 -35.50
N TYR A 831 -1.34 -26.34 -34.99
CA TYR A 831 0.10 -26.21 -34.79
C TYR A 831 0.82 -26.65 -36.06
N THR A 832 1.68 -25.78 -36.59
CA THR A 832 2.41 -26.02 -37.85
C THR A 832 3.90 -25.90 -37.61
N TRP A 833 4.63 -27.00 -37.74
CA TRP A 833 6.07 -27.02 -37.47
C TRP A 833 6.88 -27.15 -38.74
N SER A 834 7.94 -26.38 -38.85
CA SER A 834 8.95 -26.52 -39.88
C SER A 834 10.31 -26.55 -39.21
N THR A 835 11.28 -27.20 -39.84
CA THR A 835 12.62 -27.23 -39.26
C THR A 835 13.66 -27.31 -40.36
N ASP A 836 14.82 -26.73 -40.08
CA ASP A 836 15.99 -26.88 -40.91
C ASP A 836 17.05 -27.79 -40.28
N GLY A 837 16.87 -28.15 -39.01
CA GLY A 837 17.83 -28.94 -38.26
C GLY A 837 18.42 -28.18 -37.09
N GLU A 838 18.51 -26.86 -37.21
CA GLU A 838 19.01 -25.99 -36.15
C GLU A 838 17.89 -25.41 -35.30
N THR A 839 16.95 -24.70 -35.94
CA THR A 839 15.87 -24.02 -35.26
C THR A 839 14.52 -24.58 -35.71
N VAL A 840 13.63 -24.81 -34.72
CA VAL A 840 12.24 -25.22 -34.97
C VAL A 840 11.39 -23.99 -35.17
N GLY A 841 10.50 -24.03 -36.16
CA GLY A 841 9.52 -22.98 -36.38
C GLY A 841 8.13 -23.48 -36.00
N LEU A 842 7.36 -22.63 -35.34
CA LEU A 842 6.05 -23.03 -34.83
C LEU A 842 5.05 -21.91 -35.04
N ARG A 843 4.13 -22.10 -35.98
CA ARG A 843 3.03 -21.17 -36.23
C ARG A 843 1.77 -21.74 -35.61
N THR A 844 1.06 -20.91 -34.86
CA THR A 844 -0.13 -21.30 -34.11
C THR A 844 -1.28 -20.43 -34.58
N GLN A 845 -2.40 -21.06 -34.94
CA GLN A 845 -3.60 -20.34 -35.33
C GLN A 845 -4.76 -20.80 -34.46
N VAL A 846 -5.56 -19.84 -34.03
CA VAL A 846 -6.69 -20.06 -33.13
C VAL A 846 -7.91 -19.46 -33.80
N ARG A 847 -8.99 -20.25 -33.89
CA ARG A 847 -10.23 -19.74 -34.44
C ARG A 847 -11.39 -20.16 -33.55
N ARG A 848 -12.35 -19.27 -33.38
CA ARG A 848 -13.48 -19.55 -32.51
C ARG A 848 -14.44 -20.46 -33.25
N ASP A 849 -14.95 -21.46 -32.54
CA ASP A 849 -16.03 -22.29 -33.04
C ASP A 849 -17.15 -22.20 -32.00
N GLY A 850 -18.25 -21.56 -32.37
CA GLY A 850 -19.37 -21.40 -31.48
C GLY A 850 -19.31 -20.08 -30.71
N THR A 851 -20.47 -19.65 -30.23
CA THR A 851 -20.52 -18.46 -29.39
C THR A 851 -20.00 -18.79 -28.00
N TRP A 852 -19.06 -17.99 -27.54
CA TRP A 852 -18.46 -18.22 -26.21
C TRP A 852 -19.33 -17.56 -25.14
N VAL A 853 -20.54 -18.08 -25.03
CA VAL A 853 -21.54 -17.60 -24.07
C VAL A 853 -21.81 -18.69 -23.05
N ASN A 854 -22.19 -18.27 -21.83
CA ASN A 854 -22.40 -19.22 -20.74
C ASN A 854 -23.11 -18.59 -19.55
N ARG A 855 -24.14 -19.26 -19.05
CA ARG A 855 -25.01 -18.71 -18.01
C ARG A 855 -25.48 -17.31 -18.38
N GLY A 856 -25.58 -17.04 -19.68
CA GLY A 856 -26.15 -15.79 -20.14
C GLY A 856 -25.17 -14.67 -20.39
N PHE A 857 -23.89 -14.86 -20.09
CA PHE A 857 -22.90 -13.79 -20.16
C PHE A 857 -21.69 -14.27 -20.94
N GLU A 858 -21.20 -13.41 -21.84
CA GLU A 858 -20.00 -13.73 -22.59
C GLU A 858 -18.85 -14.14 -21.69
N VAL A 859 -18.07 -15.04 -22.16
CA VAL A 859 -16.90 -15.47 -21.42
C VAL A 859 -15.76 -14.55 -21.83
N GLU A 860 -14.90 -14.23 -20.89
CA GLU A 860 -13.69 -13.49 -21.19
C GLU A 860 -12.50 -14.39 -20.88
N TRP A 861 -11.45 -14.23 -21.65
CA TRP A 861 -10.28 -15.07 -21.45
C TRP A 861 -9.26 -14.31 -20.61
N ALA A 862 -8.51 -15.07 -19.82
CA ALA A 862 -7.33 -14.51 -19.20
C ALA A 862 -6.23 -14.28 -20.23
N ARG A 863 -6.05 -15.21 -21.15
CA ARG A 863 -4.90 -15.15 -22.04
C ARG A 863 -5.21 -15.92 -23.31
N ILE A 864 -4.34 -15.73 -24.30
CA ILE A 864 -4.27 -16.58 -25.49
C ILE A 864 -2.80 -17.00 -25.60
N GLY A 865 -2.45 -18.17 -25.06
CA GLY A 865 -1.08 -18.65 -25.09
C GLY A 865 -0.87 -20.16 -25.19
N LEU A 866 0.38 -20.58 -24.99
CA LEU A 866 0.75 -21.98 -24.92
C LEU A 866 1.32 -22.31 -23.55
N GLU A 867 1.08 -23.54 -23.08
CA GLU A 867 1.76 -24.07 -21.91
C GLU A 867 2.62 -25.27 -22.31
N PHE A 868 3.94 -25.11 -22.21
CA PHE A 868 4.89 -26.20 -22.36
C PHE A 868 5.20 -26.74 -20.97
N VAL A 869 5.01 -28.05 -20.77
CA VAL A 869 5.42 -28.71 -19.55
C VAL A 869 6.66 -29.53 -19.87
N LEU A 870 7.80 -29.10 -19.34
CA LEU A 870 9.08 -29.71 -19.59
C LEU A 870 9.41 -30.71 -18.49
N GLY A 871 10.01 -31.85 -18.88
CA GLY A 871 10.27 -32.93 -17.95
C GLY A 871 11.38 -32.67 -16.95
N GLU A 872 12.20 -31.64 -17.16
CA GLU A 872 13.32 -31.32 -16.28
C GLU A 872 13.15 -29.96 -15.64
N GLU A 873 13.84 -29.77 -14.52
CA GLU A 873 13.83 -28.52 -13.77
C GLU A 873 14.51 -27.40 -14.56
N THR A 874 14.12 -26.16 -14.27
CA THR A 874 14.76 -24.99 -14.83
C THR A 874 15.50 -24.24 -13.73
N GLU A 875 16.77 -23.94 -13.98
CA GLU A 875 17.60 -23.24 -13.01
C GLU A 875 17.62 -21.73 -13.22
N LEU A 876 17.51 -21.26 -14.46
CA LEU A 876 17.75 -19.85 -14.75
C LEU A 876 16.99 -19.40 -15.99
N VAL A 877 16.35 -18.23 -15.88
CA VAL A 877 15.52 -17.64 -16.93
C VAL A 877 16.12 -16.30 -17.33
N SER A 878 16.33 -16.11 -18.63
CA SER A 878 16.83 -14.86 -19.18
C SER A 878 15.92 -14.44 -20.32
N TRP A 879 15.76 -13.13 -20.51
CA TRP A 879 14.92 -12.65 -21.60
C TRP A 879 15.32 -11.24 -22.00
N PHE A 880 14.84 -10.84 -23.17
CA PHE A 880 14.88 -9.45 -23.61
C PHE A 880 13.46 -8.93 -23.70
N GLY A 881 13.21 -7.78 -23.10
CA GLY A 881 11.87 -7.23 -23.08
C GLY A 881 11.72 -6.30 -21.89
N GLN A 882 10.55 -6.32 -21.25
CA GLN A 882 10.39 -5.53 -20.05
CA GLN A 882 10.37 -5.53 -20.04
C GLN A 882 10.91 -6.29 -18.83
N GLY A 883 11.17 -5.55 -17.78
CA GLY A 883 11.68 -6.15 -16.56
C GLY A 883 12.32 -5.13 -15.63
N PRO A 884 12.92 -5.62 -14.55
CA PRO A 884 13.05 -7.05 -14.25
C PRO A 884 11.81 -7.68 -13.60
N HIS A 885 10.97 -6.89 -12.95
CA HIS A 885 9.82 -7.44 -12.23
C HIS A 885 8.63 -7.63 -13.20
N GLN A 886 7.58 -8.29 -12.71
CA GLN A 886 6.50 -8.72 -13.58
C GLN A 886 5.83 -7.53 -14.28
N SER A 887 5.12 -7.82 -15.38
CA SER A 887 4.34 -6.81 -16.06
C SER A 887 3.15 -7.46 -16.76
N TYR A 888 2.01 -6.77 -16.72
CA TYR A 888 0.71 -7.10 -17.27
C TYR A 888 0.15 -5.85 -17.95
N PRO A 889 -0.77 -6.02 -18.91
CA PRO A 889 -1.19 -4.86 -19.73
C PRO A 889 -1.50 -3.58 -18.95
N ASP A 890 -2.27 -3.65 -17.87
CA ASP A 890 -2.61 -2.44 -17.13
C ASP A 890 -1.64 -2.17 -15.94
N THR A 891 -0.57 -2.94 -15.83
CA THR A 891 0.50 -2.62 -14.89
C THR A 891 1.82 -2.56 -15.68
N GLY A 892 2.93 -2.76 -14.97
CA GLY A 892 4.24 -2.88 -15.58
C GLY A 892 4.96 -1.60 -15.92
N GLN A 893 4.43 -0.45 -15.53
CA GLN A 893 5.08 0.81 -15.86
C GLN A 893 6.50 0.85 -15.34
N GLY A 894 6.73 0.26 -14.15
CA GLY A 894 8.06 0.24 -13.57
C GLY A 894 9.05 -0.64 -14.31
N ALA A 895 8.55 -1.60 -15.08
CA ALA A 895 9.41 -2.48 -15.87
C ALA A 895 9.92 -1.74 -17.10
N ARG A 896 11.23 -1.65 -17.23
CA ARG A 896 11.81 -0.98 -18.38
C ARG A 896 12.30 -2.00 -19.41
N ALA A 897 12.63 -1.49 -20.60
CA ALA A 897 13.23 -2.31 -21.64
C ALA A 897 14.68 -2.62 -21.31
N GLY A 898 15.05 -3.88 -21.37
CA GLY A 898 16.42 -4.27 -21.11
C GLY A 898 16.69 -5.74 -21.33
N TRP A 899 17.84 -6.19 -20.82
CA TRP A 899 18.22 -7.58 -20.80
C TRP A 899 18.28 -8.02 -19.35
N PHE A 900 17.53 -9.06 -19.01
CA PHE A 900 17.45 -9.51 -17.63
C PHE A 900 17.74 -10.99 -17.56
N SER A 901 18.01 -11.44 -16.33
CA SER A 901 18.42 -12.82 -16.07
C SER A 901 18.28 -13.06 -14.57
N LEU A 902 17.44 -14.01 -14.19
CA LEU A 902 17.21 -14.32 -12.79
C LEU A 902 17.14 -15.83 -12.55
N PRO A 903 17.40 -16.28 -11.31
CA PRO A 903 17.10 -17.67 -10.97
C PRO A 903 15.60 -17.88 -10.87
N LEU A 904 15.17 -19.10 -11.18
CA LEU A 904 13.74 -19.36 -11.30
C LEU A 904 12.98 -18.85 -10.08
N ALA A 905 13.49 -19.10 -8.87
CA ALA A 905 12.73 -18.78 -7.66
C ALA A 905 12.50 -17.30 -7.50
N LYS A 906 13.36 -16.47 -8.08
CA LYS A 906 13.19 -15.02 -8.07
C LYS A 906 12.44 -14.51 -9.30
N MET A 907 11.91 -15.41 -10.15
CA MET A 907 10.90 -15.05 -11.13
C MET A 907 9.50 -15.00 -10.53
N ASP A 908 9.28 -15.67 -9.40
CA ASP A 908 8.01 -15.73 -8.72
C ASP A 908 7.80 -14.45 -7.91
N VAL A 909 6.63 -14.36 -7.28
CA VAL A 909 6.25 -13.22 -6.44
C VAL A 909 5.58 -13.80 -5.20
N GLU A 910 6.12 -13.49 -4.02
CA GLU A 910 5.75 -14.20 -2.80
C GLU A 910 4.50 -13.64 -2.13
N TYR A 911 3.44 -13.43 -2.92
CA TYR A 911 2.13 -13.05 -2.38
C TYR A 911 1.68 -14.02 -1.29
N VAL A 912 0.90 -13.52 -0.33
CA VAL A 912 0.57 -14.33 0.84
C VAL A 912 -0.44 -15.43 0.47
N ARG A 913 -1.51 -15.06 -0.23
CA ARG A 913 -2.31 -16.05 -0.94
C ARG A 913 -1.75 -16.19 -2.35
N PRO A 914 -1.10 -17.31 -2.70
CA PRO A 914 -0.47 -17.40 -4.02
C PRO A 914 -1.51 -17.33 -5.13
N GLN A 915 -1.09 -16.85 -6.30
CA GLN A 915 -2.01 -16.45 -7.36
C GLN A 915 -1.21 -16.17 -8.62
N GLU A 916 -1.90 -15.81 -9.68
CA GLU A 916 -1.25 -15.51 -10.93
C GLU A 916 -0.29 -14.31 -10.78
N CYS A 917 0.98 -14.54 -11.09
CA CYS A 917 2.01 -13.50 -11.06
C CYS A 917 3.19 -14.00 -11.87
N GLY A 918 4.17 -13.11 -12.06
CA GLY A 918 5.42 -13.50 -12.67
C GLY A 918 5.46 -13.44 -14.19
N ALA A 919 4.38 -13.06 -14.85
CA ALA A 919 4.45 -12.83 -16.29
C ALA A 919 5.36 -11.65 -16.59
N ARG A 920 6.24 -11.81 -17.58
CA ARG A 920 7.07 -10.70 -18.05
C ARG A 920 6.57 -10.36 -19.45
N SER A 921 5.77 -9.30 -19.56
CA SER A 921 5.15 -8.92 -20.81
C SER A 921 6.14 -8.24 -21.74
N GLY A 922 5.72 -8.10 -22.99
CA GLY A 922 6.51 -7.49 -24.04
C GLY A 922 7.83 -8.17 -24.30
N SER A 923 7.92 -9.46 -24.05
CA SER A 923 9.19 -10.17 -24.19
C SER A 923 9.42 -10.57 -25.63
N ARG A 924 10.66 -10.40 -26.08
CA ARG A 924 11.09 -10.65 -27.46
C ARG A 924 11.87 -11.96 -27.61
N SER A 925 12.76 -12.25 -26.67
CA SER A 925 13.55 -13.47 -26.68
C SER A 925 13.68 -13.96 -25.25
N ALA A 926 14.10 -15.22 -25.10
CA ALA A 926 14.03 -15.88 -23.81
C ALA A 926 14.87 -17.14 -23.83
N ALA A 927 15.62 -17.37 -22.75
CA ALA A 927 16.42 -18.57 -22.62
C ALA A 927 16.20 -19.18 -21.24
N LEU A 928 15.80 -20.45 -21.21
CA LEU A 928 15.69 -21.23 -20.00
C LEU A 928 16.86 -22.20 -19.94
N GLN A 929 17.64 -22.15 -18.85
CA GLN A 929 18.76 -23.07 -18.64
C GLN A 929 18.25 -24.30 -17.90
N LEU A 930 18.16 -25.44 -18.62
CA LEU A 930 17.65 -26.70 -18.09
C LEU A 930 18.81 -27.68 -17.96
N GLY A 931 19.27 -27.89 -16.73
CA GLY A 931 20.43 -28.71 -16.49
C GLY A 931 21.62 -28.20 -17.28
N GLY A 932 21.92 -28.89 -18.38
CA GLY A 932 23.07 -28.54 -19.20
C GLY A 932 22.70 -27.71 -20.43
N ARG A 933 21.55 -28.00 -21.03
CA ARG A 933 21.11 -27.33 -22.24
C ARG A 933 20.28 -26.09 -21.89
N THR A 934 20.22 -25.15 -22.84
CA THR A 934 19.31 -24.03 -22.70
C THR A 934 18.38 -23.97 -23.90
N LEU A 935 17.14 -23.53 -23.64
CA LEU A 935 16.05 -23.50 -24.60
C LEU A 935 15.74 -22.05 -24.96
N GLU A 936 15.83 -21.71 -26.24
CA GLU A 936 15.78 -20.32 -26.69
C GLU A 936 14.53 -20.08 -27.52
N ILE A 937 13.55 -19.37 -26.94
CA ILE A 937 12.39 -18.92 -27.70
C ILE A 937 12.66 -17.54 -28.26
N CYS A 938 12.28 -17.33 -29.51
CA CYS A 938 12.24 -16.02 -30.13
C CYS A 938 10.87 -15.89 -30.76
N GLY A 939 10.54 -14.69 -31.20
CA GLY A 939 9.26 -14.44 -31.84
C GLY A 939 8.85 -13.00 -31.63
N ASP A 940 7.66 -12.67 -32.14
CA ASP A 940 7.07 -11.36 -31.91
C ASP A 940 6.67 -11.24 -30.43
N PRO A 941 6.33 -10.02 -29.96
CA PRO A 941 6.05 -9.84 -28.52
C PRO A 941 5.14 -10.89 -27.89
N PHE A 942 5.68 -11.61 -26.91
CA PHE A 942 4.95 -12.56 -26.10
C PHE A 942 5.23 -12.30 -24.62
N ALA A 943 4.36 -12.80 -23.74
CA ALA A 943 4.55 -12.67 -22.30
C ALA A 943 5.07 -13.99 -21.72
N LEU A 944 6.28 -13.94 -21.17
CA LEU A 944 6.96 -15.12 -20.65
C LEU A 944 6.68 -15.31 -19.17
N THR A 945 6.60 -16.57 -18.76
CA THR A 945 6.34 -16.98 -17.39
C THR A 945 6.92 -18.37 -17.19
N VAL A 946 7.64 -18.57 -16.10
CA VAL A 946 8.28 -19.86 -15.86
C VAL A 946 8.16 -20.19 -14.39
N ARG A 947 7.41 -21.24 -14.07
CA ARG A 947 7.18 -21.63 -12.69
C ARG A 947 7.55 -23.09 -12.50
N PRO A 948 7.90 -23.50 -11.28
CA PRO A 948 8.22 -24.90 -11.00
C PRO A 948 7.04 -25.79 -10.62
N TYR A 949 5.80 -25.29 -10.68
CA TYR A 949 4.59 -26.04 -10.32
C TYR A 949 3.49 -25.70 -11.31
N SER A 950 2.42 -26.47 -11.28
CA SER A 950 1.34 -26.29 -12.25
C SER A 950 0.41 -25.17 -11.83
N GLN A 951 -0.39 -24.69 -12.78
CA GLN A 951 -1.35 -23.64 -12.48
C GLN A 951 -2.35 -24.09 -11.42
N ASP A 952 -2.73 -25.36 -11.45
CA ASP A 952 -3.74 -25.86 -10.52
C ASP A 952 -3.17 -25.99 -9.12
N VAL A 953 -1.90 -26.35 -9.01
CA VAL A 953 -1.21 -26.28 -7.71
C VAL A 953 -1.24 -24.85 -7.17
N LEU A 954 -1.01 -23.87 -8.04
CA LEU A 954 -0.98 -22.47 -7.64
C LEU A 954 -2.36 -21.96 -7.25
N ASP A 955 -3.41 -22.43 -7.95
CA ASP A 955 -4.76 -21.99 -7.63
C ASP A 955 -5.23 -22.59 -6.32
N ALA A 956 -4.96 -23.87 -6.09
CA ALA A 956 -5.45 -24.49 -4.87
C ALA A 956 -4.71 -23.96 -3.64
N ALA A 957 -3.46 -23.53 -3.80
CA ALA A 957 -2.64 -23.08 -2.69
C ALA A 957 -3.26 -21.86 -2.00
N ALA A 958 -3.43 -21.95 -0.67
CA ALA A 958 -3.94 -20.81 0.09
C ALA A 958 -2.85 -20.04 0.80
N HIS A 959 -1.68 -20.65 0.98
CA HIS A 959 -0.51 -20.02 1.57
C HIS A 959 0.69 -20.47 0.78
N ARG A 960 1.82 -19.82 1.00
CA ARG A 960 2.97 -20.17 0.17
C ARG A 960 3.53 -21.57 0.42
N PRO A 961 3.48 -22.10 1.66
CA PRO A 961 3.97 -23.48 1.86
C PRO A 961 3.19 -24.54 1.09
N ASP A 962 1.99 -24.24 0.60
CA ASP A 962 1.21 -25.19 -0.20
C ASP A 962 1.73 -25.31 -1.64
N LEU A 963 2.72 -24.52 -2.02
CA LEU A 963 3.34 -24.64 -3.33
C LEU A 963 4.52 -25.59 -3.22
N LYS A 964 4.49 -26.69 -3.96
CA LYS A 964 5.60 -27.62 -3.96
C LYS A 964 6.01 -27.87 -5.40
N ALA A 965 7.31 -27.78 -5.66
CA ALA A 965 7.83 -28.11 -6.97
C ALA A 965 7.67 -29.60 -7.22
N ASP A 966 7.25 -29.95 -8.43
CA ASP A 966 7.07 -31.36 -8.78
C ASP A 966 8.15 -31.84 -9.74
N GLY A 967 9.26 -31.12 -9.82
CA GLY A 967 10.37 -31.54 -10.65
C GLY A 967 10.26 -31.19 -12.12
N ARG A 968 9.19 -30.59 -12.57
CA ARG A 968 9.09 -30.20 -13.96
C ARG A 968 9.16 -28.68 -14.10
N THR A 969 8.87 -28.21 -15.32
CA THR A 969 8.96 -26.81 -15.72
C THR A 969 7.67 -26.45 -16.44
N TYR A 970 7.07 -25.34 -16.07
CA TYR A 970 5.84 -24.88 -16.69
C TYR A 970 6.18 -23.60 -17.44
N LEU A 971 6.29 -23.71 -18.76
CA LEU A 971 6.67 -22.60 -19.61
C LEU A 971 5.40 -21.99 -20.21
N TYR A 972 5.19 -20.71 -19.96
CA TYR A 972 4.01 -20.01 -20.45
C TYR A 972 4.46 -18.95 -21.44
N VAL A 973 3.98 -19.08 -22.69
CA VAL A 973 4.22 -18.11 -23.76
C VAL A 973 2.86 -17.57 -24.20
N ASP A 974 2.59 -16.30 -23.90
CA ASP A 974 1.27 -15.74 -24.12
C ASP A 974 1.33 -14.71 -25.24
N HIS A 975 0.41 -14.85 -26.19
CA HIS A 975 0.29 -13.92 -27.33
C HIS A 975 -0.69 -12.81 -26.96
N ALA A 976 -1.49 -13.04 -25.94
CA ALA A 976 -2.37 -12.00 -25.45
C ALA A 976 -2.60 -12.24 -23.97
N LEU A 977 -2.88 -11.14 -23.24
CA LEU A 977 -3.15 -11.21 -21.81
C LEU A 977 -4.25 -10.22 -21.46
N ARG A 978 -4.97 -10.54 -20.38
CA ARG A 978 -5.85 -9.61 -19.67
C ARG A 978 -5.03 -8.67 -18.79
N GLY A 979 -5.64 -7.53 -18.49
CA GLY A 979 -5.15 -6.70 -17.41
C GLY A 979 -5.53 -7.32 -16.08
N VAL A 980 -5.13 -6.67 -15.00
CA VAL A 980 -5.38 -7.25 -13.70
C VAL A 980 -6.47 -6.45 -13.01
N GLY A 981 -6.57 -5.14 -13.32
CA GLY A 981 -7.53 -4.23 -12.70
C GLY A 981 -7.30 -4.03 -11.20
N THR A 982 -8.36 -3.56 -10.53
CA THR A 982 -8.44 -3.46 -9.07
C THR A 982 -9.85 -3.84 -8.57
N ALA A 983 -10.42 -4.92 -9.11
CA ALA A 983 -11.80 -5.26 -8.78
C ALA A 983 -11.98 -5.76 -7.35
N ALA A 984 -10.90 -6.06 -6.63
CA ALA A 984 -11.13 -6.52 -5.28
C ALA A 984 -11.71 -5.39 -4.43
N CYS A 985 -11.52 -4.15 -4.89
CA CYS A 985 -12.10 -2.98 -4.25
C CYS A 985 -12.01 -1.82 -5.25
N GLY A 986 -13.10 -1.60 -5.98
CA GLY A 986 -13.14 -0.55 -6.97
C GLY A 986 -13.17 -1.05 -8.40
N PRO A 987 -12.61 -0.25 -9.31
CA PRO A 987 -12.71 -0.55 -10.74
C PRO A 987 -12.01 -1.85 -11.13
N GLY A 988 -12.66 -2.62 -12.02
CA GLY A 988 -12.03 -3.79 -12.58
C GLY A 988 -11.09 -3.43 -13.73
N VAL A 989 -10.67 -4.46 -14.47
CA VAL A 989 -9.87 -4.24 -15.67
C VAL A 989 -10.61 -3.28 -16.58
N LEU A 990 -9.89 -2.29 -17.10
CA LEU A 990 -10.51 -1.30 -17.97
C LEU A 990 -10.75 -1.90 -19.36
N GLU A 991 -11.66 -1.26 -20.12
CA GLU A 991 -12.08 -1.76 -21.43
C GLU A 991 -10.88 -2.08 -22.32
N GLN A 992 -9.97 -1.13 -22.49
CA GLN A 992 -8.82 -1.34 -23.37
CA GLN A 992 -8.78 -1.30 -23.32
C GLN A 992 -7.98 -2.56 -22.98
N TYR A 993 -8.14 -3.09 -21.77
CA TYR A 993 -7.32 -4.22 -21.36
C TYR A 993 -8.09 -5.52 -21.18
N ARG A 994 -9.41 -5.50 -21.28
CA ARG A 994 -10.18 -6.74 -21.22
C ARG A 994 -9.85 -7.62 -22.42
N LEU A 995 -9.92 -8.93 -22.23
CA LEU A 995 -9.60 -9.87 -23.31
C LEU A 995 -10.84 -10.69 -23.67
N LYS A 996 -11.55 -10.26 -24.77
CA LYS A 996 -12.70 -11.01 -25.29
C LYS A 996 -12.24 -12.11 -26.24
N PRO A 997 -12.96 -13.23 -26.33
CA PRO A 997 -12.54 -14.31 -27.25
C PRO A 997 -12.54 -13.81 -28.69
N ARG A 998 -11.63 -14.36 -29.47
CA ARG A 998 -11.40 -13.89 -30.83
C ARG A 998 -10.40 -14.82 -31.51
N ASP A 999 -10.35 -14.73 -32.85
CA ASP A 999 -9.32 -15.44 -33.60
C ASP A 999 -7.95 -14.78 -33.41
N ALA A 1000 -6.90 -15.59 -33.46
CA ALA A 1000 -5.54 -15.07 -33.31
C ALA A 1000 -4.54 -15.93 -34.05
N ASP A 1001 -3.40 -15.33 -34.40
CA ASP A 1001 -2.34 -15.96 -35.18
C ASP A 1001 -1.01 -15.56 -34.59
N PHE A 1002 -0.10 -16.52 -34.37
CA PHE A 1002 1.20 -16.06 -33.90
C PHE A 1002 2.30 -17.09 -34.15
N ILE A 1003 3.50 -16.56 -34.41
CA ILE A 1003 4.68 -17.31 -34.82
C ILE A 1003 5.70 -17.35 -33.70
N LEU A 1004 6.28 -18.53 -33.45
CA LEU A 1004 7.44 -18.67 -32.58
C LEU A 1004 8.58 -19.36 -33.33
N THR A 1005 9.78 -19.23 -32.78
CA THR A 1005 10.94 -20.01 -33.20
C THR A 1005 11.65 -20.49 -31.95
N LEU A 1006 11.92 -21.78 -31.87
CA LEU A 1006 12.65 -22.36 -30.75
C LEU A 1006 14.03 -22.82 -31.19
N LYS A 1007 14.85 -23.18 -30.19
CA LYS A 1007 16.22 -23.62 -30.43
C LYS A 1007 16.79 -24.21 -29.14
N VAL A 1008 17.44 -25.36 -29.22
CA VAL A 1008 18.13 -25.95 -28.08
C VAL A 1008 19.62 -25.96 -28.37
N ARG A 1009 20.43 -25.63 -27.36
CA ARG A 1009 21.89 -25.72 -27.46
C ARG A 1009 22.44 -26.68 -26.41
#